data_1LJX
# 
_entry.id   1LJX 
# 
_audit_conform.dict_name       mmcif_pdbx.dic 
_audit_conform.dict_version    5.376 
_audit_conform.dict_location   http://mmcif.pdb.org/dictionaries/ascii/mmcif_pdbx.dic 
# 
loop_
_database_2.database_id 
_database_2.database_code 
_database_2.pdbx_database_accession 
_database_2.pdbx_DOI 
PDB   1LJX         pdb_00001ljx 10.2210/pdb1ljx/pdb 
NDB   ZD0007       ?            ?                   
RCSB  RCSB016010   ?            ?                   
WWPDB D_1000016010 ?            ?                   
# 
_pdbx_database_status.status_code                     REL 
_pdbx_database_status.entry_id                        1LJX 
_pdbx_database_status.recvd_initial_deposition_date   2002-04-23 
_pdbx_database_status.deposit_site                    RCSB 
_pdbx_database_status.process_site                    RCSB 
_pdbx_database_status.status_code_sf                  REL 
_pdbx_database_status.SG_entry                        . 
_pdbx_database_status.pdb_format_compatible           Y 
_pdbx_database_status.status_code_mr                  ? 
_pdbx_database_status.status_code_cs                  ? 
_pdbx_database_status.methods_development_category    ? 
_pdbx_database_status.status_code_nmr_data            ? 
# 
loop_
_audit_author.name 
_audit_author.pdbx_ordinal 
'Thiyagarajan, S.'   1 
'Satheesh Kumar, P.' 2 
'Rajan, S.S.'        3 
'Gautham, N.'        4 
# 
_citation.id                        primary 
_citation.title                     'Structure of d(TGCGCA)2 at 293 K: comparison of the effects of sequence and temperature.' 
_citation.journal_abbrev            'Acta Crystallogr.,Sect.D' 
_citation.journal_volume            58 
_citation.page_first                1381 
_citation.page_last                 1384 
_citation.year                      2002 
_citation.journal_id_ASTM           ABCRE6 
_citation.country                   DK 
_citation.journal_id_ISSN           0907-4449 
_citation.journal_id_CSD            0766 
_citation.book_publisher            ? 
_citation.pdbx_database_id_PubMed   12136163 
_citation.pdbx_database_id_DOI      10.1107/S090744490200896X 
# 
loop_
_citation_author.citation_id 
_citation_author.name 
_citation_author.ordinal 
_citation_author.identifier_ORCID 
primary 'Thiyagarajan, S.'   1 ? 
primary 'Satheesh Kumar, P.' 2 ? 
primary 'Rajan, S.S.'        3 ? 
primary 'Gautham, N.'        4 ? 
# 
_cell.entry_id           1LJX 
_cell.length_a           21.182 
_cell.length_b           28.363 
_cell.length_c           44.440 
_cell.angle_alpha        90.00 
_cell.angle_beta         90.00 
_cell.angle_gamma        90.00 
_cell.Z_PDB              8 
_cell.pdbx_unique_axis   ? 
# 
_symmetry.entry_id                         1LJX 
_symmetry.space_group_name_H-M             'P 21 21 21' 
_symmetry.pdbx_full_space_group_name_H-M   ? 
_symmetry.cell_setting                     ? 
_symmetry.Int_Tables_number                19 
# 
loop_
_entity.id 
_entity.type 
_entity.src_method 
_entity.pdbx_description 
_entity.formula_weight 
_entity.pdbx_number_of_molecules 
_entity.pdbx_ec 
_entity.pdbx_mutation 
_entity.pdbx_fragment 
_entity.details 
1 polymer     syn "5'-D(*TP*GP*CP*GP*CP*A)-3'" 1809.218 2  ? ? ? ? 
2 non-polymer syn 'MAGNESIUM ION'              24.305   2  ? ? ? ? 
3 water       nat water                        18.015   58 ? ? ? ? 
# 
_entity_poly.entity_id                      1 
_entity_poly.type                           polydeoxyribonucleotide 
_entity_poly.nstd_linkage                   no 
_entity_poly.nstd_monomer                   no 
_entity_poly.pdbx_seq_one_letter_code       '(DT)(DG)(DC)(DG)(DC)(DA)' 
_entity_poly.pdbx_seq_one_letter_code_can   TGCGCA 
_entity_poly.pdbx_strand_id                 A,B 
_entity_poly.pdbx_target_identifier         ? 
# 
loop_
_entity_poly_seq.entity_id 
_entity_poly_seq.num 
_entity_poly_seq.mon_id 
_entity_poly_seq.hetero 
1 1 DT n 
1 2 DG n 
1 3 DC n 
1 4 DG n 
1 5 DC n 
1 6 DA n 
# 
_struct_ref.id                         1 
_struct_ref.entity_id                  1 
_struct_ref.db_name                    PDB 
_struct_ref.db_code                    1LJX 
_struct_ref.pdbx_db_accession          1LJX 
_struct_ref.pdbx_db_isoform            ? 
_struct_ref.pdbx_seq_one_letter_code   ? 
_struct_ref.pdbx_align_begin           ? 
# 
loop_
_struct_ref_seq.align_id 
_struct_ref_seq.ref_id 
_struct_ref_seq.pdbx_PDB_id_code 
_struct_ref_seq.pdbx_strand_id 
_struct_ref_seq.seq_align_beg 
_struct_ref_seq.pdbx_seq_align_beg_ins_code 
_struct_ref_seq.seq_align_end 
_struct_ref_seq.pdbx_seq_align_end_ins_code 
_struct_ref_seq.pdbx_db_accession 
_struct_ref_seq.db_align_beg 
_struct_ref_seq.pdbx_db_align_beg_ins_code 
_struct_ref_seq.db_align_end 
_struct_ref_seq.pdbx_db_align_end_ins_code 
_struct_ref_seq.pdbx_auth_seq_align_beg 
_struct_ref_seq.pdbx_auth_seq_align_end 
1 1 1LJX A 1 ? 6 ? 1LJX 1 ? 6  ? 1 6  
2 1 1LJX B 1 ? 6 ? 1LJX 7 ? 12 ? 7 12 
# 
loop_
_chem_comp.id 
_chem_comp.type 
_chem_comp.mon_nstd_flag 
_chem_comp.name 
_chem_comp.pdbx_synonyms 
_chem_comp.formula 
_chem_comp.formula_weight 
DA  'DNA linking' y "2'-DEOXYADENOSINE-5'-MONOPHOSPHATE" ? 'C10 H14 N5 O6 P' 331.222 
DC  'DNA linking' y "2'-DEOXYCYTIDINE-5'-MONOPHOSPHATE"  ? 'C9 H14 N3 O7 P'  307.197 
DG  'DNA linking' y "2'-DEOXYGUANOSINE-5'-MONOPHOSPHATE" ? 'C10 H14 N5 O7 P' 347.221 
DT  'DNA linking' y "THYMIDINE-5'-MONOPHOSPHATE"         ? 'C10 H15 N2 O8 P' 322.208 
HOH non-polymer   . WATER                                ? 'H2 O'            18.015  
MG  non-polymer   . 'MAGNESIUM ION'                      ? 'Mg 2'            24.305  
# 
_exptl.entry_id          1LJX 
_exptl.method            'X-RAY DIFFRACTION' 
_exptl.crystals_number   1 
# 
_exptl_crystal.id                    1 
_exptl_crystal.density_meas          ? 
_exptl_crystal.density_Matthews      1.84 
_exptl_crystal.density_percent_sol   33.32 
_exptl_crystal.description           ? 
# 
_exptl_crystal_grow.crystal_id      1 
_exptl_crystal_grow.method          'VAPOR DIFFUSION, HANGING DROP' 
_exptl_crystal_grow.temp            293 
_exptl_crystal_grow.temp_details    ? 
_exptl_crystal_grow.pH              7.0 
_exptl_crystal_grow.pdbx_details    
'cacodylate, MgCl2, cobalt hexaamine chloride, MPD, pH 7.0, VAPOR DIFFUSION, HANGING DROP, temperature 293K' 
_exptl_crystal_grow.pdbx_pH_range   . 
# 
loop_
_exptl_crystal_grow_comp.crystal_id 
_exptl_crystal_grow_comp.id 
_exptl_crystal_grow_comp.sol_id 
_exptl_crystal_grow_comp.name 
_exptl_crystal_grow_comp.volume 
_exptl_crystal_grow_comp.conc 
_exptl_crystal_grow_comp.details 
1 1 1 cacodylate                  ? ? ? 
1 2 1 MgCl2                       ? ? ? 
1 3 1 'cobalt hexaamine chloride' ? ? ? 
1 4 1 MPD                         ? ? ? 
# 
_diffrn.id                     1 
_diffrn.ambient_temp           293 
_diffrn.ambient_temp_details   ? 
_diffrn.crystal_id             1 
# 
_diffrn_detector.diffrn_id              1 
_diffrn_detector.detector               'AREA DETECTOR' 
_diffrn_detector.type                   MARRESEARCH 
_diffrn_detector.pdbx_collection_date   1998-04-15 
_diffrn_detector.details                FRANK 
# 
_diffrn_radiation.diffrn_id                        1 
_diffrn_radiation.wavelength_id                    1 
_diffrn_radiation.pdbx_monochromatic_or_laue_m_l   M 
_diffrn_radiation.monochromator                    ? 
_diffrn_radiation.pdbx_diffrn_protocol             'SINGLE WAVELENGTH' 
_diffrn_radiation.pdbx_scattering_type             x-ray 
# 
_diffrn_radiation_wavelength.id           1 
_diffrn_radiation_wavelength.wavelength   1.5418 
_diffrn_radiation_wavelength.wt           1.0 
# 
_diffrn_source.diffrn_id                   1 
_diffrn_source.source                      'ROTATING ANODE' 
_diffrn_source.type                        'RIGAKU RU200' 
_diffrn_source.pdbx_synchrotron_site       ? 
_diffrn_source.pdbx_synchrotron_beamline   ? 
_diffrn_source.pdbx_wavelength             ? 
_diffrn_source.pdbx_wavelength_list        1.5418 
# 
_reflns.entry_id                     1LJX 
_reflns.observed_criterion_sigma_I   1.0 
_reflns.observed_criterion_sigma_F   1.0 
_reflns.d_resolution_low             19 
_reflns.d_resolution_high            1.64 
_reflns.number_obs                   3468 
_reflns.number_all                   3564 
_reflns.percent_possible_obs         97.3 
_reflns.pdbx_Rmerge_I_obs            0.0450000 
_reflns.pdbx_Rsym_value              ? 
_reflns.pdbx_netI_over_sigmaI        ? 
_reflns.B_iso_Wilson_estimate        ? 
_reflns.pdbx_redundancy              ? 
_reflns.R_free_details               ? 
_reflns.pdbx_diffrn_id               1 
_reflns.pdbx_ordinal                 1 
# 
_refine.entry_id                                 1LJX 
_refine.ls_number_reflns_obs                     3368 
_refine.ls_number_reflns_all                     3824 
_refine.pdbx_ls_sigma_I                          ? 
_refine.pdbx_ls_sigma_F                          1.0 
_refine.pdbx_data_cutoff_high_absF               ? 
_refine.pdbx_data_cutoff_low_absF                ? 
_refine.ls_d_res_low                             19.0 
_refine.ls_d_res_high                            1.64 
_refine.ls_percent_reflns_obs                    ? 
_refine.ls_R_factor_obs                          ? 
_refine.ls_R_factor_all                          ? 
_refine.ls_R_factor_R_work                       0.2120000 
_refine.ls_R_factor_R_free                       0.2670000 
_refine.ls_R_factor_R_free_error                 ? 
_refine.ls_R_factor_R_free_error_details         ? 
_refine.ls_percent_reflns_R_free                 10 
_refine.ls_number_reflns_R_free                  339 
_refine.ls_number_parameters                     ? 
_refine.ls_number_restraints                     ? 
_refine.occupancy_min                            ? 
_refine.occupancy_max                            ? 
_refine.correlation_coeff_Fo_to_Fc               ? 
_refine.correlation_coeff_Fo_to_Fc_free          ? 
_refine.B_iso_mean                               ? 
_refine.aniso_B[1][1]                            ? 
_refine.aniso_B[2][2]                            ? 
_refine.aniso_B[3][3]                            ? 
_refine.aniso_B[1][2]                            ? 
_refine.aniso_B[1][3]                            ? 
_refine.aniso_B[2][3]                            ? 
_refine.solvent_model_details                    ? 
_refine.solvent_model_param_ksol                 ? 
_refine.solvent_model_param_bsol                 ? 
_refine.pdbx_solvent_vdw_probe_radii             ? 
_refine.pdbx_solvent_ion_probe_radii             ? 
_refine.pdbx_solvent_shrinkage_radii             ? 
_refine.pdbx_ls_cross_valid_method               THROUGHOUT 
_refine.details                                  ? 
_refine.pdbx_starting_model                      'PDB entry 1DCG with its terminal bases modified' 
_refine.pdbx_method_to_determine_struct          'MOLECULAR REPLACEMENT' 
_refine.pdbx_isotropic_thermal_model             ? 
_refine.pdbx_stereochemistry_target_values       ? 
_refine.pdbx_stereochem_target_val_spec_case     ? 
_refine.pdbx_R_Free_selection_details            RANDOM 
_refine.pdbx_overall_ESU_R_Free                  ? 
_refine.overall_SU_B                             ? 
_refine.ls_redundancy_reflns_obs                 ? 
_refine.overall_SU_R_Cruickshank_DPI             ? 
_refine.overall_SU_R_free                        ? 
_refine.overall_SU_ML                            ? 
_refine.pdbx_overall_ESU_R                       ? 
_refine.pdbx_data_cutoff_high_rms_absF           ? 
_refine.pdbx_refine_id                           'X-RAY DIFFRACTION' 
_refine.pdbx_diffrn_id                           1 
_refine.pdbx_TLS_residual_ADP_flag               ? 
_refine.pdbx_overall_phase_error                 ? 
_refine.pdbx_overall_SU_R_free_Cruickshank_DPI   ? 
_refine.pdbx_overall_SU_R_Blow_DPI               ? 
_refine.pdbx_overall_SU_R_free_Blow_DPI          ? 
# 
_refine_hist.pdbx_refine_id                   'X-RAY DIFFRACTION' 
_refine_hist.cycle_id                         LAST 
_refine_hist.pdbx_number_atoms_protein        0 
_refine_hist.pdbx_number_atoms_nucleic_acid   240 
_refine_hist.pdbx_number_atoms_ligand         2 
_refine_hist.number_atoms_solvent             58 
_refine_hist.number_atoms_total               300 
_refine_hist.d_res_high                       1.64 
_refine_hist.d_res_low                        19.0 
# 
_struct.entry_id                  1LJX 
_struct.title                     'THE STRUCTURE OF D(TPGPCPGPCPA)2 AT 293K: COMPARISON OF THE EFFECT OF SEQUENCE AND TEMPERATURE' 
_struct.pdbx_model_details        ? 
_struct.pdbx_CASP_flag            ? 
_struct.pdbx_model_type_details   ? 
# 
_struct_keywords.entry_id        1LJX 
_struct_keywords.pdbx_keywords   DNA 
_struct_keywords.text            'Z-DNA hexamer with AT base pairs at the terminal, DNA' 
# 
loop_
_struct_asym.id 
_struct_asym.pdbx_blank_PDB_chainid_flag 
_struct_asym.pdbx_modified 
_struct_asym.entity_id 
_struct_asym.details 
A N N 1 ? 
B N N 1 ? 
C N N 2 ? 
D N N 2 ? 
E N N 3 ? 
F N N 3 ? 
# 
_struct_biol.id                    1 
_struct_biol.pdbx_parent_biol_id   ? 
_struct_biol.details               ? 
# 
loop_
_struct_conn.id 
_struct_conn.conn_type_id 
_struct_conn.pdbx_leaving_atom_flag 
_struct_conn.pdbx_PDB_id 
_struct_conn.ptnr1_label_asym_id 
_struct_conn.ptnr1_label_comp_id 
_struct_conn.ptnr1_label_seq_id 
_struct_conn.ptnr1_label_atom_id 
_struct_conn.pdbx_ptnr1_label_alt_id 
_struct_conn.pdbx_ptnr1_PDB_ins_code 
_struct_conn.pdbx_ptnr1_standard_comp_id 
_struct_conn.ptnr1_symmetry 
_struct_conn.ptnr2_label_asym_id 
_struct_conn.ptnr2_label_comp_id 
_struct_conn.ptnr2_label_seq_id 
_struct_conn.ptnr2_label_atom_id 
_struct_conn.pdbx_ptnr2_label_alt_id 
_struct_conn.pdbx_ptnr2_PDB_ins_code 
_struct_conn.ptnr1_auth_asym_id 
_struct_conn.ptnr1_auth_comp_id 
_struct_conn.ptnr1_auth_seq_id 
_struct_conn.ptnr2_auth_asym_id 
_struct_conn.ptnr2_auth_comp_id 
_struct_conn.ptnr2_auth_seq_id 
_struct_conn.ptnr2_symmetry 
_struct_conn.pdbx_ptnr3_label_atom_id 
_struct_conn.pdbx_ptnr3_label_seq_id 
_struct_conn.pdbx_ptnr3_label_comp_id 
_struct_conn.pdbx_ptnr3_label_asym_id 
_struct_conn.pdbx_ptnr3_label_alt_id 
_struct_conn.pdbx_ptnr3_PDB_ins_code 
_struct_conn.details 
_struct_conn.pdbx_dist_value 
_struct_conn.pdbx_value_order 
_struct_conn.pdbx_role 
metalc1  metalc ? ? C MG . MG ? ? ? 1_555 E HOH . O  ? ? A MG 19 A HOH 23 1_555 ? ? ? ? ? ? ?            2.002 ? ? 
metalc2  metalc ? ? C MG . MG ? ? ? 1_555 E HOH . O  ? ? A MG 19 A HOH 24 1_555 ? ? ? ? ? ? ?            1.829 ? ? 
metalc3  metalc ? ? C MG . MG ? ? ? 1_555 E HOH . O  ? ? A MG 19 A HOH 25 1_555 ? ? ? ? ? ? ?            2.018 ? ? 
metalc4  metalc ? ? C MG . MG ? ? ? 1_555 E HOH . O  ? ? A MG 19 A HOH 63 1_555 ? ? ? ? ? ? ?            1.884 ? ? 
metalc5  metalc ? ? D MG . MG ? ? ? 1_555 F HOH . O  ? ? B MG 18 B HOH 34 1_555 ? ? ? ? ? ? ?            2.075 ? ? 
metalc6  metalc ? ? D MG . MG ? ? ? 1_555 F HOH . O  ? ? B MG 18 B HOH 43 1_555 ? ? ? ? ? ? ?            2.252 ? ? 
metalc7  metalc ? ? D MG . MG ? ? ? 1_555 F HOH . O  ? ? B MG 18 B HOH 46 1_555 ? ? ? ? ? ? ?            2.043 ? ? 
metalc8  metalc ? ? D MG . MG ? ? ? 1_555 F HOH . O  ? ? B MG 18 B HOH 49 1_555 ? ? ? ? ? ? ?            1.819 ? ? 
metalc9  metalc ? ? D MG . MG ? ? ? 1_555 F HOH . O  ? ? B MG 18 B HOH 68 1_555 ? ? ? ? ? ? ?            2.489 ? ? 
hydrog1  hydrog ? ? A DT 1 N3 ? ? ? 1_555 B DA  6 N1 ? ? A DT 1  B DA  12 1_555 ? ? ? ? ? ? WATSON-CRICK ?     ? ? 
hydrog2  hydrog ? ? A DT 1 O4 ? ? ? 1_555 B DA  6 N6 ? ? A DT 1  B DA  12 1_555 ? ? ? ? ? ? WATSON-CRICK ?     ? ? 
hydrog3  hydrog ? ? A DG 2 N1 ? ? ? 1_555 B DC  5 N3 ? ? A DG 2  B DC  11 1_555 ? ? ? ? ? ? WATSON-CRICK ?     ? ? 
hydrog4  hydrog ? ? A DG 2 N2 ? ? ? 1_555 B DC  5 O2 ? ? A DG 2  B DC  11 1_555 ? ? ? ? ? ? WATSON-CRICK ?     ? ? 
hydrog5  hydrog ? ? A DG 2 O6 ? ? ? 1_555 B DC  5 N4 ? ? A DG 2  B DC  11 1_555 ? ? ? ? ? ? WATSON-CRICK ?     ? ? 
hydrog6  hydrog ? ? A DC 3 N3 ? ? ? 1_555 B DG  4 N1 ? ? A DC 3  B DG  10 1_555 ? ? ? ? ? ? WATSON-CRICK ?     ? ? 
hydrog7  hydrog ? ? A DC 3 N4 ? ? ? 1_555 B DG  4 O6 ? ? A DC 3  B DG  10 1_555 ? ? ? ? ? ? WATSON-CRICK ?     ? ? 
hydrog8  hydrog ? ? A DC 3 O2 ? ? ? 1_555 B DG  4 N2 ? ? A DC 3  B DG  10 1_555 ? ? ? ? ? ? WATSON-CRICK ?     ? ? 
hydrog9  hydrog ? ? A DG 4 N1 ? ? ? 1_555 B DC  3 N3 ? ? A DG 4  B DC  9  1_555 ? ? ? ? ? ? WATSON-CRICK ?     ? ? 
hydrog10 hydrog ? ? A DG 4 N2 ? ? ? 1_555 B DC  3 O2 ? ? A DG 4  B DC  9  1_555 ? ? ? ? ? ? WATSON-CRICK ?     ? ? 
hydrog11 hydrog ? ? A DG 4 O6 ? ? ? 1_555 B DC  3 N4 ? ? A DG 4  B DC  9  1_555 ? ? ? ? ? ? WATSON-CRICK ?     ? ? 
hydrog12 hydrog ? ? A DC 5 N3 ? ? ? 1_555 B DG  2 N1 ? ? A DC 5  B DG  8  1_555 ? ? ? ? ? ? WATSON-CRICK ?     ? ? 
hydrog13 hydrog ? ? A DC 5 N4 ? ? ? 1_555 B DG  2 O6 ? ? A DC 5  B DG  8  1_555 ? ? ? ? ? ? WATSON-CRICK ?     ? ? 
hydrog14 hydrog ? ? A DC 5 O2 ? ? ? 1_555 B DG  2 N2 ? ? A DC 5  B DG  8  1_555 ? ? ? ? ? ? WATSON-CRICK ?     ? ? 
hydrog15 hydrog ? ? A DA 6 N1 ? ? ? 1_555 B DT  1 N3 ? ? A DA 6  B DT  7  1_555 ? ? ? ? ? ? WATSON-CRICK ?     ? ? 
hydrog16 hydrog ? ? A DA 6 N6 ? ? ? 1_555 B DT  1 O4 ? ? A DA 6  B DT  7  1_555 ? ? ? ? ? ? WATSON-CRICK ?     ? ? 
# 
loop_
_struct_conn_type.id 
_struct_conn_type.criteria 
_struct_conn_type.reference 
metalc ? ? 
hydrog ? ? 
# 
loop_
_struct_site.id 
_struct_site.pdbx_evidence_code 
_struct_site.pdbx_auth_asym_id 
_struct_site.pdbx_auth_comp_id 
_struct_site.pdbx_auth_seq_id 
_struct_site.pdbx_auth_ins_code 
_struct_site.pdbx_num_residues 
_struct_site.details 
AC1 Software B MG 18 ? 5 'BINDING SITE FOR RESIDUE MG B 18' 
AC2 Software A MG 19 ? 4 'BINDING SITE FOR RESIDUE MG A 19' 
# 
loop_
_struct_site_gen.id 
_struct_site_gen.site_id 
_struct_site_gen.pdbx_num_res 
_struct_site_gen.label_comp_id 
_struct_site_gen.label_asym_id 
_struct_site_gen.label_seq_id 
_struct_site_gen.pdbx_auth_ins_code 
_struct_site_gen.auth_comp_id 
_struct_site_gen.auth_asym_id 
_struct_site_gen.auth_seq_id 
_struct_site_gen.label_atom_id 
_struct_site_gen.label_alt_id 
_struct_site_gen.symmetry 
_struct_site_gen.details 
1 AC1 5 HOH F . ? HOH B 34 . ? 1_555 ? 
2 AC1 5 HOH F . ? HOH B 43 . ? 1_555 ? 
3 AC1 5 HOH F . ? HOH B 46 . ? 1_555 ? 
4 AC1 5 HOH F . ? HOH B 49 . ? 1_555 ? 
5 AC1 5 HOH F . ? HOH B 68 . ? 1_555 ? 
6 AC2 4 HOH E . ? HOH A 23 . ? 1_555 ? 
7 AC2 4 HOH E . ? HOH A 24 . ? 1_555 ? 
8 AC2 4 HOH E . ? HOH A 25 . ? 1_555 ? 
9 AC2 4 HOH E . ? HOH A 63 . ? 1_555 ? 
# 
_atom_sites.entry_id                    1LJX 
_atom_sites.fract_transf_matrix[1][1]   -0.03883046 
_atom_sites.fract_transf_matrix[1][2]   0.02669777 
_atom_sites.fract_transf_matrix[1][3]   -0.00286503 
_atom_sites.fract_transf_matrix[2][1]   -0.01603925 
_atom_sites.fract_transf_matrix[2][2]   -0.02532052 
_atom_sites.fract_transf_matrix[2][3]   -0.01856528 
_atom_sites.fract_transf_matrix[3][1]   -0.00768139 
_atom_sites.fract_transf_matrix[3][2]   -0.00912453 
_atom_sites.fract_transf_matrix[3][3]   0.01908086 
_atom_sites.fract_transf_vector[1]      0.248356 
_atom_sites.fract_transf_vector[2]      0.028861 
_atom_sites.fract_transf_vector[3]      0.070065 
# 
loop_
_atom_type.symbol 
C  
MG 
N  
O  
P  
# 
loop_
_atom_site.group_PDB 
_atom_site.id 
_atom_site.type_symbol 
_atom_site.label_atom_id 
_atom_site.label_alt_id 
_atom_site.label_comp_id 
_atom_site.label_asym_id 
_atom_site.label_entity_id 
_atom_site.label_seq_id 
_atom_site.pdbx_PDB_ins_code 
_atom_site.Cartn_x 
_atom_site.Cartn_y 
_atom_site.Cartn_z 
_atom_site.occupancy 
_atom_site.B_iso_or_equiv 
_atom_site.pdbx_formal_charge 
_atom_site.auth_seq_id 
_atom_site.auth_comp_id 
_atom_site.auth_asym_id 
_atom_site.auth_atom_id 
_atom_site.pdbx_PDB_model_num 
ATOM   1   O  "O5'" . DT  A 1 1 ? 1.700   -9.654 6.467   1.00 27.80 ? 1  DT  A "O5'" 1 
ATOM   2   C  "C5'" . DT  A 1 1 ? 0.630   -8.862 5.952   1.00 24.13 ? 1  DT  A "C5'" 1 
ATOM   3   C  "C4'" . DT  A 1 1 ? 0.618   -7.469 6.540   1.00 22.51 ? 1  DT  A "C4'" 1 
ATOM   4   O  "O4'" . DT  A 1 1 ? -0.522  -6.753 6.013   1.00 20.29 ? 1  DT  A "O4'" 1 
ATOM   5   C  "C3'" . DT  A 1 1 ? 0.469   -7.422 8.064   1.00 22.62 ? 1  DT  A "C3'" 1 
ATOM   6   O  "O3'" . DT  A 1 1 ? 1.114   -6.259 8.578   1.00 23.70 ? 1  DT  A "O3'" 1 
ATOM   7   C  "C2'" . DT  A 1 1 ? -1.019  -7.229 8.253   1.00 19.83 ? 1  DT  A "C2'" 1 
ATOM   8   C  "C1'" . DT  A 1 1 ? -1.333  -6.311 7.088   1.00 19.32 ? 1  DT  A "C1'" 1 
ATOM   9   N  N1    . DT  A 1 1 ? -2.730  -6.366 6.661   1.00 16.23 ? 1  DT  A N1    1 
ATOM   10  C  C2    . DT  A 1 1 ? -3.549  -5.353 7.082   1.00 16.14 ? 1  DT  A C2    1 
ATOM   11  O  O2    . DT  A 1 1 ? -3.149  -4.418 7.762   1.00 18.11 ? 1  DT  A O2    1 
ATOM   12  N  N3    . DT  A 1 1 ? -4.857  -5.472 6.681   1.00 15.55 ? 1  DT  A N3    1 
ATOM   13  C  C4    . DT  A 1 1 ? -5.406  -6.484 5.916   1.00 14.89 ? 1  DT  A C4    1 
ATOM   14  O  O4    . DT  A 1 1 ? -6.598  -6.461 5.647   1.00 14.12 ? 1  DT  A O4    1 
ATOM   15  C  C5    . DT  A 1 1 ? -4.475  -7.512 5.494   1.00 14.40 ? 1  DT  A C5    1 
ATOM   16  C  C7    . DT  A 1 1 ? -4.968  -8.644 4.650   1.00 15.82 ? 1  DT  A C7    1 
ATOM   17  C  C6    . DT  A 1 1 ? -3.201  -7.401 5.883   1.00 16.18 ? 1  DT  A C6    1 
ATOM   18  P  P     . DG  A 1 2 ? 2.586   -6.373 9.190   1.00 22.08 ? 2  DG  A P     1 
ATOM   19  O  OP1   . DG  A 1 2 ? 2.684   -7.587 10.033  1.00 24.04 ? 2  DG  A OP1   1 
ATOM   20  O  OP2   . DG  A 1 2 ? 2.897   -5.042 9.766   1.00 24.03 ? 2  DG  A OP2   1 
ATOM   21  O  "O5'" . DG  A 1 2 ? 3.479   -6.585 7.896   1.00 22.23 ? 2  DG  A "O5'" 1 
ATOM   22  C  "C5'" . DG  A 1 2 ? 3.522   -5.587 6.884   1.00 20.14 ? 2  DG  A "C5'" 1 
ATOM   23  C  "C4'" . DG  A 1 2 ? 4.655   -5.879 5.933   1.00 18.64 ? 2  DG  A "C4'" 1 
ATOM   24  O  "O4'" . DG  A 1 2 ? 4.313   -7.069 5.180   1.00 16.74 ? 2  DG  A "O4'" 1 
ATOM   25  C  "C3'" . DG  A 1 2 ? 4.940   -4.770 4.925   1.00 17.42 ? 2  DG  A "C3'" 1 
ATOM   26  O  "O3'" . DG  A 1 2 ? 6.317   -4.420 4.952   1.00 17.47 ? 2  DG  A "O3'" 1 
ATOM   27  C  "C2'" . DG  A 1 2 ? 4.539   -5.338 3.576   1.00 17.96 ? 2  DG  A "C2'" 1 
ATOM   28  C  "C1'" . DG  A 1 2 ? 4.320   -6.831 3.781   1.00 15.89 ? 2  DG  A "C1'" 1 
ATOM   29  N  N9    . DG  A 1 2 ? 3.009   -7.221 3.268   1.00 15.47 ? 2  DG  A N9    1 
ATOM   30  C  C8    . DG  A 1 2 ? 2.672   -8.343 2.544   1.00 16.20 ? 2  DG  A C8    1 
ATOM   31  N  N7    . DG  A 1 2 ? 1.412   -8.363 2.190   1.00 13.60 ? 2  DG  A N7    1 
ATOM   32  C  C5    . DG  A 1 2 ? 0.886   -7.193 2.725   1.00 14.06 ? 2  DG  A C5    1 
ATOM   33  C  C6    . DG  A 1 2 ? -0.433  -6.662 2.676   1.00 14.08 ? 2  DG  A C6    1 
ATOM   34  O  O6    . DG  A 1 2 ? -1.434  -7.136 2.132   1.00 15.95 ? 2  DG  A O6    1 
ATOM   35  N  N1    . DG  A 1 2 ? -0.523  -5.448 3.354   1.00 14.14 ? 2  DG  A N1    1 
ATOM   36  C  C2    . DG  A 1 2 ? 0.519   -4.823 4.003   1.00 13.54 ? 2  DG  A C2    1 
ATOM   37  N  N2    . DG  A 1 2 ? 0.242   -3.661 4.609   1.00 12.18 ? 2  DG  A N2    1 
ATOM   38  N  N3    . DG  A 1 2 ? 1.746   -5.306 4.056   1.00 13.86 ? 2  DG  A N3    1 
ATOM   39  C  C4    . DG  A 1 2 ? 1.857   -6.484 3.401   1.00 14.54 ? 2  DG  A C4    1 
ATOM   40  P  P     . DC  A 1 3 ? 6.830   -3.152 4.118   1.00 18.43 ? 3  DC  A P     1 
ATOM   41  O  OP1   . DC  A 1 3 ? 6.782   -3.512 2.677   1.00 19.81 ? 3  DC  A OP1   1 
ATOM   42  O  OP2   . DC  A 1 3 ? 8.121   -2.727 4.726   1.00 19.70 ? 3  DC  A OP2   1 
ATOM   43  O  "O5'" . DC  A 1 3 ? 5.755   -2.004 4.377   1.00 15.29 ? 3  DC  A "O5'" 1 
ATOM   44  C  "C5'" . DC  A 1 3 ? 6.026   -0.669 3.944   1.00 13.56 ? 3  DC  A "C5'" 1 
ATOM   45  C  "C4'" . DC  A 1 3 ? 4.749   0.052  3.578   1.00 12.79 ? 3  DC  A "C4'" 1 
ATOM   46  O  "O4'" . DC  A 1 3 ? 4.133   -0.548 2.413   1.00 13.97 ? 3  DC  A "O4'" 1 
ATOM   47  C  "C3'" . DC  A 1 3 ? 3.670   0.078  4.663   1.00 14.11 ? 3  DC  A "C3'" 1 
ATOM   48  O  "O3'" . DC  A 1 3 ? 2.997   1.339  4.590   1.00 16.12 ? 3  DC  A "O3'" 1 
ATOM   49  C  "C2'" . DC  A 1 3 ? 2.721   -1.020 4.213   1.00 13.23 ? 3  DC  A "C2'" 1 
ATOM   50  C  "C1'" . DC  A 1 3 ? 2.776   -0.841 2.705   1.00 13.78 ? 3  DC  A "C1'" 1 
ATOM   51  N  N1    . DC  A 1 3 ? 2.379   -2.015 1.913   1.00 11.99 ? 3  DC  A N1    1 
ATOM   52  C  C2    . DC  A 1 3 ? 1.053   -2.117 1.488   1.00 12.14 ? 3  DC  A C2    1 
ATOM   53  O  O2    . DC  A 1 3 ? 0.258   -1.217 1.790   1.00 12.09 ? 3  DC  A O2    1 
ATOM   54  N  N3    . DC  A 1 3 ? 0.674   -3.190 0.756   1.00 12.41 ? 3  DC  A N3    1 
ATOM   55  C  C4    . DC  A 1 3 ? 1.567   -4.136 0.450   1.00 12.27 ? 3  DC  A C4    1 
ATOM   56  N  N4    . DC  A 1 3 ? 1.150   -5.181 -0.269  1.00 10.71 ? 3  DC  A N4    1 
ATOM   57  C  C5    . DC  A 1 3 ? 2.925   -4.054 0.870   1.00 10.73 ? 3  DC  A C5    1 
ATOM   58  C  C6    . DC  A 1 3 ? 3.285   -2.987 1.595   1.00 11.50 ? 3  DC  A C6    1 
ATOM   59  P  P     . DG  A 1 4 ? 3.283   2.472  5.697   1.00 16.36 ? 4  DG  A P     1 
ATOM   60  O  OP1   . DG  A 1 4 ? 3.516   1.824  7.009   1.00 17.23 ? 4  DG  A OP1   1 
ATOM   61  O  OP2   . DG  A 1 4 ? 2.199   3.473  5.543   1.00 18.37 ? 4  DG  A OP2   1 
ATOM   62  O  "O5'" . DG  A 1 4 ? 4.654   3.161  5.266   1.00 18.30 ? 4  DG  A "O5'" 1 
ATOM   63  C  "C5'" . DG  A 1 4 ? 4.677   4.306  4.418   1.00 20.64 ? 4  DG  A "C5'" 1 
ATOM   64  C  "C4'" . DG  A 1 4 ? 5.502   3.995  3.195   1.00 19.05 ? 4  DG  A "C4'" 1 
ATOM   65  O  "O4'" . DG  A 1 4 ? 6.345   2.840  3.137   1.00 17.55 ? 4  DG  A "O4'" 1 
ATOM   66  C  "C3'" . DG  A 1 4 ? 5.617   4.766  1.891   1.00 19.66 ? 4  DG  A "C3'" 1 
ATOM   67  O  "O3'" . DG  A 1 4 ? 5.843   6.151  2.185   1.00 22.45 ? 4  DG  A "O3'" 1 
ATOM   68  C  "C2'" . DG  A 1 4 ? 7.006   4.343  1.417   1.00 18.51 ? 4  DG  A "C2'" 1 
ATOM   69  C  "C1'" . DG  A 1 4 ? 7.335   3.022  2.147   1.00 16.79 ? 4  DG  A "C1'" 1 
ATOM   70  N  N9    . DG  A 1 4 ? 7.244   1.834  1.303   1.00 16.36 ? 4  DG  A N9    1 
ATOM   71  C  C8    . DG  A 1 4 ? 8.223   0.906  1.042   1.00 15.90 ? 4  DG  A C8    1 
ATOM   72  N  N7    . DG  A 1 4 ? 7.798   -0.099 0.321   1.00 14.65 ? 4  DG  A N7    1 
ATOM   73  C  C5    . DG  A 1 4 ? 6.462   0.194  0.072   1.00 13.45 ? 4  DG  A C5    1 
ATOM   74  C  C6    . DG  A 1 4 ? 5.477   -0.528 -0.662  1.00 12.04 ? 4  DG  A C6    1 
ATOM   75  O  O6    . DG  A 1 4 ? 5.596   -1.604 -1.252  1.00 13.09 ? 4  DG  A O6    1 
ATOM   76  N  N1    . DG  A 1 4 ? 4.250   0.132  -0.663  1.00 10.92 ? 4  DG  A N1    1 
ATOM   77  C  C2    . DG  A 1 4 ? 3.999   1.326  -0.039  1.00 10.82 ? 4  DG  A C2    1 
ATOM   78  N  N2    . DG  A 1 4 ? 2.748   1.794  -0.146  1.00 12.22 ? 4  DG  A N2    1 
ATOM   79  N  N3    . DG  A 1 4 ? 4.902   2.008  0.643   1.00 12.86 ? 4  DG  A N3    1 
ATOM   80  C  C4    . DG  A 1 4 ? 6.105   1.387  0.657   1.00 14.41 ? 4  DG  A C4    1 
ATOM   81  P  P     . DC  A 1 5 ? 4.819   7.262  1.614   1.00 24.45 ? 5  DC  A P     1 
ATOM   82  O  OP1   . DC  A 1 5 ? 5.351   8.624  1.897   1.00 24.94 ? 5  DC  A OP1   1 
ATOM   83  O  OP2   . DC  A 1 5 ? 3.458   6.891  2.092   1.00 23.44 ? 5  DC  A OP2   1 
ATOM   84  O  "O5'" . DC  A 1 5 ? 4.861   7.026  0.039   1.00 21.22 ? 5  DC  A "O5'" 1 
ATOM   85  C  "C5'" . DC  A 1 5 ? 4.482   8.053  -0.869  1.00 16.34 ? 5  DC  A "C5'" 1 
ATOM   86  C  "C4'" . DC  A 1 5 ? 3.485   7.516  -1.870  1.00 13.79 ? 5  DC  A "C4'" 1 
ATOM   87  O  "O4'" . DC  A 1 5 ? 4.117   6.515  -2.703  1.00 13.75 ? 5  DC  A "O4'" 1 
ATOM   88  C  "C3'" . DC  A 1 5 ? 2.255   6.841  -1.255  1.00 12.93 ? 5  DC  A "C3'" 1 
ATOM   89  O  "O3'" . DC  A 1 5 ? 1.102   7.155  -2.032  1.00 14.63 ? 5  DC  A "O3'" 1 
ATOM   90  C  "C2'" . DC  A 1 5 ? 2.550   5.362  -1.408  1.00 11.78 ? 5  DC  A "C2'" 1 
ATOM   91  C  "C1'" . DC  A 1 5 ? 3.311   5.345  -2.721  1.00 12.01 ? 5  DC  A "C1'" 1 
ATOM   92  N  N1    . DC  A 1 5 ? 4.197   4.186  -2.884  1.00 11.04 ? 5  DC  A N1    1 
ATOM   93  C  C2    . DC  A 1 5 ? 3.697   3.042  -3.513  1.00 11.10 ? 5  DC  A C2    1 
ATOM   94  O  O2    . DC  A 1 5 ? 2.525   3.048  -3.920  1.00 12.25 ? 5  DC  A O2    1 
ATOM   95  N  N3    . DC  A 1 5 ? 4.502   1.963  -3.656  1.00 10.80 ? 5  DC  A N3    1 
ATOM   96  C  C4    . DC  A 1 5 ? 5.756   2.002  -3.196  1.00 9.94  ? 5  DC  A C4    1 
ATOM   97  N  N4    . DC  A 1 5 ? 6.518   0.917  -3.350  1.00 8.78  ? 5  DC  A N4    1 
ATOM   98  C  C5    . DC  A 1 5 ? 6.286   3.156  -2.556  1.00 11.18 ? 5  DC  A C5    1 
ATOM   99  C  C6    . DC  A 1 5 ? 5.482   4.216  -2.426  1.00 10.47 ? 5  DC  A C6    1 
ATOM   100 P  P     . DA  A 1 6 ? 0.122   8.327  -1.554  1.00 15.76 ? 6  DA  A P     1 
ATOM   101 O  OP1   . DA  A 1 6 ? -0.080  8.196  -0.091  1.00 16.20 ? 6  DA  A OP1   1 
ATOM   102 O  OP2   . DA  A 1 6 ? -1.050  8.317  -2.462  1.00 18.19 ? 6  DA  A OP2   1 
ATOM   103 O  "O5'" . DA  A 1 6 ? 0.961   9.647  -1.843  1.00 15.33 ? 6  DA  A "O5'" 1 
ATOM   104 C  "C5'" . DA  A 1 6 ? 1.099   10.146 -3.169  1.00 14.91 ? 6  DA  A "C5'" 1 
ATOM   105 C  "C4'" . DA  A 1 6 ? 2.020   11.344 -3.180  1.00 16.24 ? 6  DA  A "C4'" 1 
ATOM   106 O  "O4'" . DA  A 1 6 ? 3.361   10.931 -2.802  1.00 14.51 ? 6  DA  A "O4'" 1 
ATOM   107 C  "C3'" . DA  A 1 6 ? 2.167   12.026 -4.541  1.00 16.20 ? 6  DA  A "C3'" 1 
ATOM   108 O  "O3'" . DA  A 1 6 ? 2.454   13.415 -4.321  1.00 18.07 ? 6  DA  A "O3'" 1 
ATOM   109 C  "C2'" . DA  A 1 6 ? 3.435   11.403 -5.095  1.00 15.19 ? 6  DA  A "C2'" 1 
ATOM   110 C  "C1'" . DA  A 1 6 ? 4.274   11.278 -3.838  1.00 14.80 ? 6  DA  A "C1'" 1 
ATOM   111 N  N9    . DA  A 1 6 ? 5.334   10.266 -3.874  1.00 13.92 ? 6  DA  A N9    1 
ATOM   112 C  C8    . DA  A 1 6 ? 6.565   10.358 -3.269  1.00 13.09 ? 6  DA  A C8    1 
ATOM   113 N  N7    . DA  A 1 6 ? 7.319   9.299  -3.440  1.00 14.92 ? 6  DA  A N7    1 
ATOM   114 C  C5    . DA  A 1 6 ? 6.537   8.450  -4.214  1.00 12.96 ? 6  DA  A C5    1 
ATOM   115 C  C6    . DA  A 1 6 ? 6.766   7.158  -4.731  1.00 12.86 ? 6  DA  A C6    1 
ATOM   116 N  N6    . DA  A 1 6 ? 7.890   6.467  -4.531  1.00 15.09 ? 6  DA  A N6    1 
ATOM   117 N  N1    . DA  A 1 6 ? 5.783   6.592  -5.469  1.00 13.99 ? 6  DA  A N1    1 
ATOM   118 C  C2    . DA  A 1 6 ? 4.651   7.282  -5.662  1.00 12.97 ? 6  DA  A C2    1 
ATOM   119 N  N3    . DA  A 1 6 ? 4.316   8.498  -5.222  1.00 12.65 ? 6  DA  A N3    1 
ATOM   120 C  C4    . DA  A 1 6 ? 5.313   9.036  -4.497  1.00 12.84 ? 6  DA  A C4    1 
ATOM   121 O  "O5'" . DT  B 1 1 ? 5.000   -0.823 -10.215 1.00 14.91 ? 7  DT  B "O5'" 1 
ATOM   122 C  "C5'" . DT  B 1 1 ? 3.776   -1.369 -9.716  1.00 13.78 ? 7  DT  B "C5'" 1 
ATOM   123 C  "C4'" . DT  B 1 1 ? 2.869   -0.325 -9.109  1.00 13.20 ? 7  DT  B "C4'" 1 
ATOM   124 O  "O4'" . DT  B 1 1 ? 3.504   0.251  -7.945  1.00 12.36 ? 7  DT  B "O4'" 1 
ATOM   125 C  "C3'" . DT  B 1 1 ? 2.517   0.849  -10.026 1.00 14.14 ? 7  DT  B "C3'" 1 
ATOM   126 O  "O3'" . DT  B 1 1 ? 1.162   1.253  -9.784  1.00 17.14 ? 7  DT  B "O3'" 1 
ATOM   127 C  "C2'" . DT  B 1 1 ? 3.469   1.940  -9.567  1.00 12.23 ? 7  DT  B "C2'" 1 
ATOM   128 C  "C1'" . DT  B 1 1 ? 3.541   1.662  -8.073  1.00 12.09 ? 7  DT  B "C1'" 1 
ATOM   129 N  N1    . DT  B 1 1 ? 4.750   2.162  -7.377  1.00 11.52 ? 7  DT  B N1    1 
ATOM   130 C  C2    . DT  B 1 1 ? 4.731   3.464  -6.937  1.00 9.72  ? 7  DT  B C2    1 
ATOM   131 O  O2    . DT  B 1 1 ? 3.780   4.209  -7.105  1.00 11.49 ? 7  DT  B O2    1 
ATOM   132 N  N3    . DT  B 1 1 ? 5.869   3.866  -6.287  1.00 10.82 ? 7  DT  B N3    1 
ATOM   133 C  C4    . DT  B 1 1 ? 7.002   3.115  -6.039  1.00 12.22 ? 7  DT  B C4    1 
ATOM   134 O  O4    . DT  B 1 1 ? 7.952   3.620  -5.437  1.00 15.16 ? 7  DT  B O4    1 
ATOM   135 C  C5    . DT  B 1 1 ? 6.958   1.757  -6.530  1.00 11.22 ? 7  DT  B C5    1 
ATOM   136 C  C7    . DT  B 1 1 ? 8.142   0.869  -6.307  1.00 11.83 ? 7  DT  B C7    1 
ATOM   137 C  C6    . DT  B 1 1 ? 5.850   1.353  -7.170  1.00 10.31 ? 7  DT  B C6    1 
ATOM   138 P  P     . DG  B 1 2 ? 0.000   0.808  -10.807 1.00 19.46 ? 8  DG  B P     1 
ATOM   139 O  OP1   . DG  B 1 2 ? 0.567   0.868  -12.176 1.00 19.96 ? 8  DG  B OP1   1 
ATOM   140 O  OP2   . DG  B 1 2 ? -1.224  1.586  -10.484 1.00 21.07 ? 8  DG  B OP2   1 
ATOM   141 O  "O5'" . DG  B 1 2 ? -0.259  -0.733 -10.468 1.00 19.38 ? 8  DG  B "O5'" 1 
ATOM   142 C  "C5'" . DG  B 1 2 ? -1.248  -1.148 -9.515  1.00 18.39 ? 8  DG  B "C5'" 1 
ATOM   143 C  "C4'" . DG  B 1 2 ? -0.608  -2.056 -8.493  1.00 16.07 ? 8  DG  B "C4'" 1 
ATOM   144 O  "O4'" . DG  B 1 2 ? 0.713   -2.569 -8.692  1.00 15.18 ? 8  DG  B "O4'" 1 
ATOM   145 C  "C3'" . DG  B 1 2 ? -1.178  -2.618 -7.196  1.00 15.96 ? 8  DG  B "C3'" 1 
ATOM   146 O  "O3'" . DG  B 1 2 ? -2.463  -3.198 -7.484  1.00 15.83 ? 8  DG  B "O3'" 1 
ATOM   147 C  "C2'" . DG  B 1 2 ? -0.348  -3.888 -7.023  1.00 14.02 ? 8  DG  B "C2'" 1 
ATOM   148 C  "C1'" . DG  B 1 2 ? 0.910   -3.718 -7.899  1.00 12.88 ? 8  DG  B "C1'" 1 
ATOM   149 N  N9    . DG  B 1 2 ? 2.146   -3.455 -7.168  1.00 13.04 ? 8  DG  B N9    1 
ATOM   150 C  C8    . DG  B 1 2 ? 3.301   -4.199 -7.168  1.00 11.72 ? 8  DG  B C8    1 
ATOM   151 N  N7    . DG  B 1 2 ? 4.276   -3.627 -6.515  1.00 12.25 ? 8  DG  B N7    1 
ATOM   152 C  C5    . DG  B 1 2 ? 3.723   -2.448 -6.029  1.00 11.05 ? 8  DG  B C5    1 
ATOM   153 C  C6    . DG  B 1 2 ? 4.302   -1.409 -5.253  1.00 10.79 ? 8  DG  B C6    1 
ATOM   154 O  O6    . DG  B 1 2 ? 5.460   -1.317 -4.829  1.00 10.24 ? 8  DG  B O6    1 
ATOM   155 N  N1    . DG  B 1 2 ? 3.384   -0.399 -4.984  1.00 9.31  ? 8  DG  B N1    1 
ATOM   156 C  C2    . DG  B 1 2 ? 2.078   -0.381 -5.408  1.00 9.49  ? 8  DG  B C2    1 
ATOM   157 N  N2    . DG  B 1 2 ? 1.353   0.694  -5.049  1.00 8.22  ? 8  DG  B N2    1 
ATOM   158 N  N3    . DG  B 1 2 ? 1.527   -1.342 -6.132  1.00 9.58  ? 8  DG  B N3    1 
ATOM   159 C  C4    . DG  B 1 2 ? 2.403   -2.336 -6.405  1.00 10.00 ? 8  DG  B C4    1 
ATOM   160 P  P     . DC  B 1 3 ? -3.419  -3.682 -6.282  1.00 16.91 ? 9  DC  B P     1 
ATOM   161 O  OP1   . DC  B 1 3 ? -2.837  -4.894 -5.654  1.00 16.74 ? 9  DC  B OP1   1 
ATOM   162 O  OP2   . DC  B 1 3 ? -4.798  -3.746 -6.826  1.00 18.10 ? 9  DC  B OP2   1 
ATOM   163 O  "O5'" . DC  B 1 3 ? -3.343  -2.489 -5.226  1.00 14.17 ? 9  DC  B "O5'" 1 
ATOM   164 C  "C5'" . DC  B 1 3 ? -4.226  -2.449 -4.106  1.00 15.00 ? 9  DC  B "C5'" 1 
ATOM   165 C  "C4'" . DC  B 1 3 ? -3.782  -1.396 -3.115  1.00 14.13 ? 9  DC  B "C4'" 1 
ATOM   166 O  "O4'" . DC  B 1 3 ? -2.577  -1.819 -2.435  1.00 13.36 ? 9  DC  B "O4'" 1 
ATOM   167 C  "C3'" . DC  B 1 3 ? -3.479  -0.016 -3.706  1.00 15.63 ? 9  DC  B "C3'" 1 
ATOM   168 O  "O3'" . DC  B 1 3 ? -3.931  1.003  -2.801  1.00 16.33 ? 9  DC  B "O3'" 1 
ATOM   169 C  "C2'" . DC  B 1 3 ? -1.959  0.001  -3.765  1.00 13.96 ? 9  DC  B "C2'" 1 
ATOM   170 C  "C1'" . DC  B 1 3 ? -1.601  -0.791 -2.517  1.00 12.32 ? 9  DC  B "C1'" 1 
ATOM   171 N  N1    . DC  B 1 3 ? -0.274  -1.429 -2.535  1.00 9.93  ? 9  DC  B N1    1 
ATOM   172 C  C2    . DC  B 1 3 ? 0.798   -0.775 -1.924  1.00 9.59  ? 9  DC  B C2    1 
ATOM   173 O  O2    . DC  B 1 3 ? 0.600   0.323  -1.381  1.00 9.19  ? 9  DC  B O2    1 
ATOM   174 N  N3    . DC  B 1 3 ? 2.020   -1.358 -1.937  1.00 9.15  ? 9  DC  B N3    1 
ATOM   175 C  C4    . DC  B 1 3 ? 2.189   -2.546 -2.526  1.00 10.24 ? 9  DC  B C4    1 
ATOM   176 N  N4    . DC  B 1 3 ? 3.415   -3.091 -2.509  1.00 10.46 ? 9  DC  B N4    1 
ATOM   177 C  C5    . DC  B 1 3 ? 1.111   -3.233 -3.158  1.00 10.82 ? 9  DC  B C5    1 
ATOM   178 C  C6    . DC  B 1 3 ? -0.091  -2.644 -3.138  1.00 9.97  ? 9  DC  B C6    1 
ATOM   179 P  P     . DG  B 1 4 ? -5.322  1.774  -3.076  1.00 17.00 ? 10 DG  B P     1 
ATOM   180 O  OP1   . DG  B 1 4 ? -5.473  2.005  -4.534  1.00 16.97 ? 10 DG  B OP1   1 
ATOM   181 O  OP2   . DG  B 1 4 ? -5.353  2.928  -2.142  1.00 17.51 ? 10 DG  B OP2   1 
ATOM   182 O  "O5'" . DG  B 1 4 ? -6.448  0.726  -2.653  1.00 17.33 ? 10 DG  B "O5'" 1 
ATOM   183 C  "C5'" . DG  B 1 4 ? -6.993  0.693  -1.330  1.00 19.69 ? 10 DG  B "C5'" 1 
ATOM   184 C  "C4'" . DG  B 1 4 ? -6.936  -0.721 -0.806  1.00 20.78 ? 10 DG  B "C4'" 1 
ATOM   185 O  "O4'" . DG  B 1 4 ? -6.621  -1.822 -1.666  1.00 19.40 ? 10 DG  B "O4'" 1 
ATOM   186 C  "C3'" . DG  B 1 4 ? -7.218  -1.240 0.600   1.00 22.72 ? 10 DG  B "C3'" 1 
ATOM   187 O  "O3'" . DG  B 1 4 ? -8.503  -0.755 1.010   1.00 25.86 ? 10 DG  B "O3'" 1 
ATOM   188 C  "C2'" . DG  B 1 4 ? -7.623  -2.686 0.312   1.00 19.48 ? 10 DG  B "C2'" 1 
ATOM   189 C  "C1'" . DG  B 1 4 ? -7.094  -3.025 -1.095  1.00 17.67 ? 10 DG  B "C1'" 1 
ATOM   190 N  N9    . DG  B 1 4 ? -5.950  -3.931 -1.123  1.00 16.82 ? 10 DG  B N9    1 
ATOM   191 C  C8    . DG  B 1 4 ? -5.860  -5.161 -1.733  1.00 16.19 ? 10 DG  B C8    1 
ATOM   192 N  N7    . DG  B 1 4 ? -4.655  -5.664 -1.690  1.00 15.85 ? 10 DG  B N7    1 
ATOM   193 C  C5    . DG  B 1 4 ? -3.912  -4.724 -0.982  1.00 15.29 ? 10 DG  B C5    1 
ATOM   194 C  C6    . DG  B 1 4 ? -2.536  -4.716 -0.618  1.00 13.53 ? 10 DG  B C6    1 
ATOM   195 O  O6    . DG  B 1 4 ? -1.672  -5.562 -0.861  1.00 13.43 ? 10 DG  B O6    1 
ATOM   196 N  N1    . DG  B 1 4 ? -2.203  -3.574 0.104   1.00 13.06 ? 10 DG  B N1    1 
ATOM   197 C  C2    . DG  B 1 4 ? -3.070  -2.568 0.435   1.00 13.49 ? 10 DG  B C2    1 
ATOM   198 N  N2    . DG  B 1 4 ? -2.549  -1.547 1.140   1.00 13.93 ? 10 DG  B N2    1 
ATOM   199 N  N3    . DG  B 1 4 ? -4.352  -2.560 0.104   1.00 14.72 ? 10 DG  B N3    1 
ATOM   200 C  C4    . DG  B 1 4 ? -4.701  -3.661 -0.603  1.00 15.15 ? 10 DG  B C4    1 
ATOM   201 P  P     . DC  B 1 5 ? -8.620  0.327  2.199   1.00 31.63 ? 11 DC  B P     1 
ATOM   202 O  OP1   . DC  B 1 5 ? -10.031 0.296  2.669   1.00 29.40 ? 11 DC  B OP1   1 
ATOM   203 O  OP2   . DC  B 1 5 ? -8.030  1.605  1.713   1.00 30.24 ? 11 DC  B OP2   1 
ATOM   204 O  "O5'" . DC  B 1 5 ? -7.680  -0.214 3.368   1.00 26.15 ? 11 DC  B "O5'" 1 
ATOM   205 C  "C5'" . DC  B 1 5 ? -7.732  0.366  4.674   1.00 21.80 ? 11 DC  B "C5'" 1 
ATOM   206 C  "C4'" . DC  B 1 5 ? -6.357  0.382  5.302   1.00 19.41 ? 11 DC  B "C4'" 1 
ATOM   207 O  "O4'" . DC  B 1 5 ? -5.887  -0.979 5.446   1.00 17.28 ? 11 DC  B "O4'" 1 
ATOM   208 C  "C3'" . DC  B 1 5 ? -5.281  1.122  4.500   1.00 18.99 ? 11 DC  B "C3'" 1 
ATOM   209 O  "O3'" . DC  B 1 5 ? -4.365  1.785  5.380   1.00 20.10 ? 11 DC  B "O3'" 1 
ATOM   210 C  "C2'" . DC  B 1 5 ? -4.544  -0.002 3.800   1.00 17.62 ? 11 DC  B "C2'" 1 
ATOM   211 C  "C1'" . DC  B 1 5 ? -4.613  -1.112 4.833   1.00 15.95 ? 11 DC  B "C1'" 1 
ATOM   212 N  N1    . DC  B 1 5 ? -4.529  -2.453 4.238   1.00 14.21 ? 11 DC  B N1    1 
ATOM   213 C  C2    . DC  B 1 5 ? -3.287  -3.104 4.213   1.00 13.41 ? 11 DC  B C2    1 
ATOM   214 O  O2    . DC  B 1 5 ? -2.311  -2.556 4.750   1.00 11.98 ? 11 DC  B O2    1 
ATOM   215 N  N3    . DC  B 1 5 ? -3.188  -4.311 3.605   1.00 13.66 ? 11 DC  B N3    1 
ATOM   216 C  C4    . DC  B 1 5 ? -4.266  -4.868 3.049   1.00 11.20 ? 11 DC  B C4    1 
ATOM   217 N  N4    . DC  B 1 5 ? -4.121  -6.045 2.441   1.00 13.58 ? 11 DC  B N4    1 
ATOM   218 C  C5    . DC  B 1 5 ? -5.542  -4.239 3.086   1.00 13.31 ? 11 DC  B C5    1 
ATOM   219 C  C6    . DC  B 1 5 ? -5.629  -3.046 3.688   1.00 13.06 ? 11 DC  B C6    1 
ATOM   220 P  P     . DA  B 1 6 ? -4.508  3.364  5.646   1.00 22.73 ? 12 DA  B P     1 
ATOM   221 O  OP1   . DA  B 1 6 ? -4.962  4.019  4.396   1.00 25.01 ? 12 DA  B OP1   1 
ATOM   222 O  OP2   . DA  B 1 6 ? -3.245  3.809  6.287   1.00 22.37 ? 12 DA  B OP2   1 
ATOM   223 O  "O5'" . DA  B 1 6 ? -5.686  3.469  6.721   1.00 22.75 ? 12 DA  B "O5'" 1 
ATOM   224 C  "C5'" . DA  B 1 6 ? -5.489  3.033  8.074   1.00 22.64 ? 12 DA  B "C5'" 1 
ATOM   225 C  "C4'" . DA  B 1 6 ? -6.780  3.130  8.858   1.00 22.57 ? 12 DA  B "C4'" 1 
ATOM   226 O  "O4'" . DA  B 1 6 ? -7.776  2.257  8.266   1.00 22.35 ? 12 DA  B "O4'" 1 
ATOM   227 C  "C3'" . DA  B 1 6 ? -6.670  2.697  10.324  1.00 23.55 ? 12 DA  B "C3'" 1 
ATOM   228 O  "O3'" . DA  B 1 6 ? -7.611  3.407  11.142  1.00 23.84 ? 12 DA  B "O3'" 1 
ATOM   229 C  "C2'" . DA  B 1 6 ? -7.120  1.247  10.284  1.00 22.43 ? 12 DA  B "C2'" 1 
ATOM   230 C  "C1'" . DA  B 1 6 ? -8.206  1.297  9.223   1.00 21.62 ? 12 DA  B "C1'" 1 
ATOM   231 N  N9    . DA  B 1 6 ? -8.472  0.039  8.521   1.00 19.23 ? 12 DA  B N9    1 
ATOM   232 C  C8    . DA  B 1 6 ? -9.661  -0.327 7.945   1.00 19.35 ? 12 DA  B C8    1 
ATOM   233 N  N7    . DA  B 1 6 ? -9.641  -1.514 7.390   1.00 19.59 ? 12 DA  B N7    1 
ATOM   234 C  C5    . DA  B 1 6 ? -8.347  -1.965 7.611   1.00 18.35 ? 12 DA  B C5    1 
ATOM   235 C  C6    . DA  B 1 6 ? -7.688  -3.162 7.263   1.00 16.58 ? 12 DA  B C6    1 
ATOM   236 N  N6    . DA  B 1 6 ? -8.269  -4.164 6.588   1.00 16.80 ? 12 DA  B N6    1 
ATOM   237 N  N1    . DA  B 1 6 ? -6.398  -3.296 7.632   1.00 17.08 ? 12 DA  B N1    1 
ATOM   238 C  C2    . DA  B 1 6 ? -5.816  -2.291 8.308   1.00 15.45 ? 12 DA  B C2    1 
ATOM   239 N  N3    . DA  B 1 6 ? -6.329  -1.124 8.692   1.00 16.42 ? 12 DA  B N3    1 
ATOM   240 C  C4    . DA  B 1 6 ? -7.613  -1.019 8.307   1.00 17.87 ? 12 DA  B C4    1 
HETATM 241 MG MG    . MG  C 2 . ? 8.548   -4.145 -0.557  1.00 13.46 ? 19 MG  A MG    1 
HETATM 242 MG MG    . MG  D 2 . ? -2.445  5.997  2.078   1.00 20.22 ? 18 MG  B MG    1 
HETATM 243 O  O     . HOH E 3 . ? 4.682   14.874 -5.089  1.00 25.44 ? 14 HOH A O     1 
HETATM 244 O  O     . HOH E 3 . ? -2.699  10.466 -3.502  1.00 57.17 ? 17 HOH A O     1 
HETATM 245 O  O     . HOH E 3 . ? 3.349   -7.223 -1.277  1.00 22.29 ? 20 HOH A O     1 
HETATM 246 O  O     . HOH E 3 . ? -9.827  -4.842 3.037   1.00 26.58 ? 22 HOH A O     1 
HETATM 247 O  O     . HOH E 3 . ? 6.663   -4.301 0.100   1.00 24.40 ? 23 HOH A O     1 
HETATM 248 O  O     . HOH E 3 . ? 9.754   -4.795 -1.770  1.00 57.61 ? 24 HOH A O     1 
HETATM 249 O  O     . HOH E 3 . ? 8.279   -2.563 -1.781  1.00 37.40 ? 25 HOH A O     1 
HETATM 250 O  O     . HOH E 3 . ? 9.744   1.162  -2.217  1.00 30.94 ? 26 HOH A O     1 
HETATM 251 O  O     . HOH E 3 . ? -0.798  0.208  4.248   1.00 26.94 ? 30 HOH A O     1 
HETATM 252 O  O     . HOH E 3 . ? 1.076   7.455  -5.916  1.00 40.84 ? 36 HOH A O     1 
HETATM 253 O  O     . HOH E 3 . ? 1.547   8.899  2.452   1.00 30.30 ? 38 HOH A O     1 
HETATM 254 O  O     . HOH E 3 . ? -8.415  -6.902 3.952   1.00 32.94 ? 39 HOH A O     1 
HETATM 255 O  O     . HOH E 3 . ? 1.539   4.035  1.650   1.00 25.47 ? 40 HOH A O     1 
HETATM 256 O  O     . HOH E 3 . ? 0.068   4.276  -4.575  1.00 42.36 ? 44 HOH A O     1 
HETATM 257 O  O     . HOH E 3 . ? 7.134   -8.979 0.603   1.00 33.54 ? 51 HOH A O     1 
HETATM 258 O  O     . HOH E 3 . ? -1.571  -2.164 7.674   1.00 30.30 ? 55 HOH A O     1 
HETATM 259 O  O     . HOH E 3 . ? 1.907   -2.376 7.043   1.00 18.98 ? 56 HOH A O     1 
HETATM 260 O  O     . HOH E 3 . ? 5.451   -7.048 0.275   1.00 23.20 ? 59 HOH A O     1 
HETATM 261 O  O     . HOH E 3 . ? 8.753   -5.480 0.755   1.00 31.83 ? 63 HOH A O     1 
HETATM 262 O  O     . HOH E 3 . ? 10.537  -1.313 -0.551  1.00 41.21 ? 67 HOH A O     1 
HETATM 263 O  O     . HOH F 3 . ? -3.916  1.458  0.953   1.00 20.54 ? 13 HOH B O     1 
HETATM 264 O  O     . HOH F 3 . ? 10.472  3.097  -4.755  1.00 30.90 ? 15 HOH B O     1 
HETATM 265 O  O     . HOH F 3 . ? -2.733  4.671  -12.607 1.00 18.72 ? 16 HOH B O     1 
HETATM 266 O  O     . HOH F 3 . ? -5.910  -1.602 -7.884  1.00 18.37 ? 21 HOH B O     1 
HETATM 267 O  O     . HOH F 3 . ? 7.083   -3.773 -4.024  1.00 31.62 ? 27 HOH B O     1 
HETATM 268 O  O     . HOH F 3 . ? -9.638  3.968  3.095   1.00 30.54 ? 28 HOH B O     1 
HETATM 269 O  O     . HOH F 3 . ? 6.549   -2.300 -8.059  1.00 23.78 ? 29 HOH B O     1 
HETATM 270 O  O     . HOH F 3 . ? -11.553 -4.709 6.453   1.00 31.14 ? 31 HOH B O     1 
HETATM 271 O  O     . HOH F 3 . ? -10.625 -7.647 6.512   1.00 41.72 ? 32 HOH B O     1 
HETATM 272 O  O     . HOH F 3 . ? 2.608   1.763  -16.194 1.00 34.79 ? 33 HOH B O     1 
HETATM 273 O  O     . HOH F 3 . ? -2.881  3.969  2.119   1.00 27.94 ? 34 HOH B O     1 
HETATM 274 O  O     . HOH F 3 . ? -0.673  1.548  1.019   1.00 27.14 ? 35 HOH B O     1 
HETATM 275 O  O     . HOH F 3 . ? -5.744  3.834  1.136   1.00 56.65 ? 37 HOH B O     1 
HETATM 276 O  O     . HOH F 3 . ? -2.752  3.211  -1.117  1.00 34.62 ? 41 HOH B O     1 
HETATM 277 O  O     . HOH F 3 . ? -0.234  2.913  -2.437  1.00 17.70 ? 42 HOH B O     1 
HETATM 278 O  O     . HOH F 3 . ? -1.697  5.074  0.165   1.00 37.56 ? 43 HOH B O     1 
HETATM 279 O  O     . HOH F 3 . ? -7.561  6.432  5.292   1.00 46.62 ? 45 HOH B O     1 
HETATM 280 O  O     . HOH F 3 . ? -4.022  6.630  3.212   1.00 36.30 ? 46 HOH B O     1 
HETATM 281 O  O     . HOH F 3 . ? -12.609 2.465  5.799   1.00 32.79 ? 47 HOH B O     1 
HETATM 282 O  O     . HOH F 3 . ? -6.271  0.739  -7.040  1.00 23.08 ? 48 HOH B O     1 
HETATM 283 O  O     . HOH F 3 . ? -1.196  6.074  3.398   1.00 25.66 ? 49 HOH B O     1 
HETATM 284 O  O     . HOH F 3 . ? -1.016  1.835  -6.472  1.00 23.45 ? 50 HOH B O     1 
HETATM 285 O  O     . HOH F 3 . ? -3.933  0.537  8.232   1.00 27.55 ? 52 HOH B O     1 
HETATM 286 O  O     . HOH F 3 . ? -7.545  2.920  -8.330  1.00 20.45 ? 53 HOH B O     1 
HETATM 287 O  O     . HOH F 3 . ? -4.645  5.607  -10.414 1.00 28.13 ? 54 HOH B O     1 
HETATM 288 O  O     . HOH F 3 . ? -4.578  -8.124 -0.299  1.00 45.28 ? 57 HOH B O     1 
HETATM 289 O  O     . HOH F 3 . ? -6.829  -7.146 1.233   1.00 26.34 ? 58 HOH B O     1 
HETATM 290 O  O     . HOH F 3 . ? -4.070  4.208  -8.363  1.00 37.02 ? 60 HOH B O     1 
HETATM 291 O  O     . HOH F 3 . ? -9.347  3.501  6.427   1.00 35.62 ? 61 HOH B O     1 
HETATM 292 O  O     . HOH F 3 . ? 9.324   -2.917 -7.594  1.00 42.02 ? 62 HOH B O     1 
HETATM 293 O  O     . HOH F 3 . ? -1.141  9.079  4.457   1.00 32.67 ? 64 HOH B O     1 
HETATM 294 O  O     . HOH F 3 . ? -11.281 -2.641 4.307   1.00 56.22 ? 65 HOH B O     1 
HETATM 295 O  O     . HOH F 3 . ? -6.334  5.084  -8.680  1.00 26.86 ? 66 HOH B O     1 
HETATM 296 O  O     . HOH F 3 . ? -4.243  6.040  0.357   1.00 55.65 ? 68 HOH B O     1 
HETATM 297 O  O     . HOH F 3 . ? 1.494   2.625  -14.111 1.00 46.01 ? 69 HOH B O     1 
HETATM 298 O  O     . HOH F 3 . ? -7.196  -9.603 2.256   1.00 32.46 ? 70 HOH B O     1 
HETATM 299 O  O     . HOH F 3 . ? -4.717  6.828  -7.346  1.00 46.64 ? 71 HOH B O     1 
HETATM 300 O  O     . HOH F 3 . ? -11.627 -0.063 4.727   1.00 55.79 ? 72 HOH B O     1 
# 
_database_PDB_caveat.id     1 
_database_PDB_caveat.text   'SEVERAL CHIRALITY ERRORS' 
# 
loop_
_pdbx_poly_seq_scheme.asym_id 
_pdbx_poly_seq_scheme.entity_id 
_pdbx_poly_seq_scheme.seq_id 
_pdbx_poly_seq_scheme.mon_id 
_pdbx_poly_seq_scheme.ndb_seq_num 
_pdbx_poly_seq_scheme.pdb_seq_num 
_pdbx_poly_seq_scheme.auth_seq_num 
_pdbx_poly_seq_scheme.pdb_mon_id 
_pdbx_poly_seq_scheme.auth_mon_id 
_pdbx_poly_seq_scheme.pdb_strand_id 
_pdbx_poly_seq_scheme.pdb_ins_code 
_pdbx_poly_seq_scheme.hetero 
A 1 1 DT 1 1  1  DT T A . n 
A 1 2 DG 2 2  2  DG G A . n 
A 1 3 DC 3 3  3  DC C A . n 
A 1 4 DG 4 4  4  DG G A . n 
A 1 5 DC 5 5  5  DC C A . n 
A 1 6 DA 6 6  6  DA A A . n 
B 1 1 DT 1 7  7  DT T B . n 
B 1 2 DG 2 8  8  DG G B . n 
B 1 3 DC 3 9  9  DC C B . n 
B 1 4 DG 4 10 10 DG G B . n 
B 1 5 DC 5 11 11 DC C B . n 
B 1 6 DA 6 12 12 DA A B . n 
# 
loop_
_pdbx_nonpoly_scheme.asym_id 
_pdbx_nonpoly_scheme.entity_id 
_pdbx_nonpoly_scheme.mon_id 
_pdbx_nonpoly_scheme.ndb_seq_num 
_pdbx_nonpoly_scheme.pdb_seq_num 
_pdbx_nonpoly_scheme.auth_seq_num 
_pdbx_nonpoly_scheme.pdb_mon_id 
_pdbx_nonpoly_scheme.auth_mon_id 
_pdbx_nonpoly_scheme.pdb_strand_id 
_pdbx_nonpoly_scheme.pdb_ins_code 
C 2 MG  1  19 19 MG  MG  A . 
D 2 MG  1  18 18 MG  MG  B . 
E 3 HOH 1  14 14 HOH HOH A . 
E 3 HOH 2  17 17 HOH HOH A . 
E 3 HOH 3  20 20 HOH HOH A . 
E 3 HOH 4  22 22 HOH HOH A . 
E 3 HOH 5  23 23 HOH HOH A . 
E 3 HOH 6  24 24 HOH HOH A . 
E 3 HOH 7  25 25 HOH HOH A . 
E 3 HOH 8  26 26 HOH HOH A . 
E 3 HOH 9  30 30 HOH HOH A . 
E 3 HOH 10 36 36 HOH HOH A . 
E 3 HOH 11 38 38 HOH HOH A . 
E 3 HOH 12 39 39 HOH HOH A . 
E 3 HOH 13 40 40 HOH HOH A . 
E 3 HOH 14 44 44 HOH HOH A . 
E 3 HOH 15 51 51 HOH HOH A . 
E 3 HOH 16 55 55 HOH HOH A . 
E 3 HOH 17 56 56 HOH HOH A . 
E 3 HOH 18 59 59 HOH HOH A . 
E 3 HOH 19 63 63 HOH HOH A . 
E 3 HOH 20 67 67 HOH HOH A . 
F 3 HOH 1  13 13 HOH HOH B . 
F 3 HOH 2  15 15 HOH HOH B . 
F 3 HOH 3  16 16 HOH HOH B . 
F 3 HOH 4  21 21 HOH HOH B . 
F 3 HOH 5  27 27 HOH HOH B . 
F 3 HOH 6  28 28 HOH HOH B . 
F 3 HOH 7  29 29 HOH HOH B . 
F 3 HOH 8  31 31 HOH HOH B . 
F 3 HOH 9  32 32 HOH HOH B . 
F 3 HOH 10 33 33 HOH HOH B . 
F 3 HOH 11 34 34 HOH HOH B . 
F 3 HOH 12 35 35 HOH HOH B . 
F 3 HOH 13 37 37 HOH HOH B . 
F 3 HOH 14 41 41 HOH HOH B . 
F 3 HOH 15 42 42 HOH HOH B . 
F 3 HOH 16 43 43 HOH HOH B . 
F 3 HOH 17 45 45 HOH HOH B . 
F 3 HOH 18 46 46 HOH HOH B . 
F 3 HOH 19 47 47 HOH HOH B . 
F 3 HOH 20 48 48 HOH HOH B . 
F 3 HOH 21 49 49 HOH HOH B . 
F 3 HOH 22 50 50 HOH HOH B . 
F 3 HOH 23 52 52 HOH HOH B . 
F 3 HOH 24 53 53 HOH HOH B . 
F 3 HOH 25 54 54 HOH HOH B . 
F 3 HOH 26 57 57 HOH HOH B . 
F 3 HOH 27 58 58 HOH HOH B . 
F 3 HOH 28 60 60 HOH HOH B . 
F 3 HOH 29 61 61 HOH HOH B . 
F 3 HOH 30 62 62 HOH HOH B . 
F 3 HOH 31 64 64 HOH HOH B . 
F 3 HOH 32 65 65 HOH HOH B . 
F 3 HOH 33 66 66 HOH HOH B . 
F 3 HOH 34 68 68 HOH HOH B . 
F 3 HOH 35 69 69 HOH HOH B . 
F 3 HOH 36 70 70 HOH HOH B . 
F 3 HOH 37 71 71 HOH HOH B . 
F 3 HOH 38 72 72 HOH HOH B . 
# 
_pdbx_struct_assembly.id                   1 
_pdbx_struct_assembly.details              author_defined_assembly 
_pdbx_struct_assembly.method_details       ? 
_pdbx_struct_assembly.oligomeric_details   dimeric 
_pdbx_struct_assembly.oligomeric_count     2 
# 
_pdbx_struct_assembly_gen.assembly_id       1 
_pdbx_struct_assembly_gen.oper_expression   1 
_pdbx_struct_assembly_gen.asym_id_list      A,B,C,D,E,F 
# 
_pdbx_struct_oper_list.id                   1 
_pdbx_struct_oper_list.type                 'identity operation' 
_pdbx_struct_oper_list.name                 1_555 
_pdbx_struct_oper_list.symmetry_operation   x,y,z 
_pdbx_struct_oper_list.matrix[1][1]         1.0000000000 
_pdbx_struct_oper_list.matrix[1][2]         0.0000000000 
_pdbx_struct_oper_list.matrix[1][3]         0.0000000000 
_pdbx_struct_oper_list.vector[1]            0.0000000000 
_pdbx_struct_oper_list.matrix[2][1]         0.0000000000 
_pdbx_struct_oper_list.matrix[2][2]         1.0000000000 
_pdbx_struct_oper_list.matrix[2][3]         0.0000000000 
_pdbx_struct_oper_list.vector[2]            0.0000000000 
_pdbx_struct_oper_list.matrix[3][1]         0.0000000000 
_pdbx_struct_oper_list.matrix[3][2]         0.0000000000 
_pdbx_struct_oper_list.matrix[3][3]         1.0000000000 
_pdbx_struct_oper_list.vector[3]            0.0000000000 
# 
loop_
_pdbx_struct_conn_angle.id 
_pdbx_struct_conn_angle.ptnr1_label_atom_id 
_pdbx_struct_conn_angle.ptnr1_label_alt_id 
_pdbx_struct_conn_angle.ptnr1_label_asym_id 
_pdbx_struct_conn_angle.ptnr1_label_comp_id 
_pdbx_struct_conn_angle.ptnr1_label_seq_id 
_pdbx_struct_conn_angle.ptnr1_auth_atom_id 
_pdbx_struct_conn_angle.ptnr1_auth_asym_id 
_pdbx_struct_conn_angle.ptnr1_auth_comp_id 
_pdbx_struct_conn_angle.ptnr1_auth_seq_id 
_pdbx_struct_conn_angle.ptnr1_PDB_ins_code 
_pdbx_struct_conn_angle.ptnr1_symmetry 
_pdbx_struct_conn_angle.ptnr2_label_atom_id 
_pdbx_struct_conn_angle.ptnr2_label_alt_id 
_pdbx_struct_conn_angle.ptnr2_label_asym_id 
_pdbx_struct_conn_angle.ptnr2_label_comp_id 
_pdbx_struct_conn_angle.ptnr2_label_seq_id 
_pdbx_struct_conn_angle.ptnr2_auth_atom_id 
_pdbx_struct_conn_angle.ptnr2_auth_asym_id 
_pdbx_struct_conn_angle.ptnr2_auth_comp_id 
_pdbx_struct_conn_angle.ptnr2_auth_seq_id 
_pdbx_struct_conn_angle.ptnr2_PDB_ins_code 
_pdbx_struct_conn_angle.ptnr2_symmetry 
_pdbx_struct_conn_angle.ptnr3_label_atom_id 
_pdbx_struct_conn_angle.ptnr3_label_alt_id 
_pdbx_struct_conn_angle.ptnr3_label_asym_id 
_pdbx_struct_conn_angle.ptnr3_label_comp_id 
_pdbx_struct_conn_angle.ptnr3_label_seq_id 
_pdbx_struct_conn_angle.ptnr3_auth_atom_id 
_pdbx_struct_conn_angle.ptnr3_auth_asym_id 
_pdbx_struct_conn_angle.ptnr3_auth_comp_id 
_pdbx_struct_conn_angle.ptnr3_auth_seq_id 
_pdbx_struct_conn_angle.ptnr3_PDB_ins_code 
_pdbx_struct_conn_angle.ptnr3_symmetry 
_pdbx_struct_conn_angle.value 
_pdbx_struct_conn_angle.value_esd 
1  O ? E HOH . ? A HOH 23 ? 1_555 MG ? C MG . ? A MG 19 ? 1_555 O ? E HOH . ? A HOH 24 ? 1_555 144.1 ? 
2  O ? E HOH . ? A HOH 23 ? 1_555 MG ? C MG . ? A MG 19 ? 1_555 O ? E HOH . ? A HOH 25 ? 1_555 97.7  ? 
3  O ? E HOH . ? A HOH 24 ? 1_555 MG ? C MG . ? A MG 19 ? 1_555 O ? E HOH . ? A HOH 25 ? 1_555 88.0  ? 
4  O ? E HOH . ? A HOH 23 ? 1_555 MG ? C MG . ? A MG 19 ? 1_555 O ? E HOH . ? A HOH 63 ? 1_555 79.6  ? 
5  O ? E HOH . ? A HOH 24 ? 1_555 MG ? C MG . ? A MG 19 ? 1_555 O ? E HOH . ? A HOH 63 ? 1_555 97.9  ? 
6  O ? E HOH . ? A HOH 25 ? 1_555 MG ? C MG . ? A MG 19 ? 1_555 O ? E HOH . ? A HOH 63 ? 1_555 173.1 ? 
7  O ? F HOH . ? B HOH 34 ? 1_555 MG ? D MG . ? B MG 18 ? 1_555 O ? F HOH . ? B HOH 43 ? 1_555 71.7  ? 
8  O ? F HOH . ? B HOH 34 ? 1_555 MG ? D MG . ? B MG 18 ? 1_555 O ? F HOH . ? B HOH 46 ? 1_555 97.5  ? 
9  O ? F HOH . ? B HOH 43 ? 1_555 MG ? D MG . ? B MG 18 ? 1_555 O ? F HOH . ? B HOH 46 ? 1_555 148.8 ? 
10 O ? F HOH . ? B HOH 34 ? 1_555 MG ? D MG . ? B MG 18 ? 1_555 O ? F HOH . ? B HOH 49 ? 1_555 99.9  ? 
11 O ? F HOH . ? B HOH 43 ? 1_555 MG ? D MG . ? B MG 18 ? 1_555 O ? F HOH . ? B HOH 49 ? 1_555 113.9 ? 
12 O ? F HOH . ? B HOH 46 ? 1_555 MG ? D MG . ? B MG 18 ? 1_555 O ? F HOH . ? B HOH 49 ? 1_555 96.6  ? 
13 O ? F HOH . ? B HOH 34 ? 1_555 MG ? D MG . ? B MG 18 ? 1_555 O ? F HOH . ? B HOH 68 ? 1_555 83.1  ? 
14 O ? F HOH . ? B HOH 43 ? 1_555 MG ? D MG . ? B MG 18 ? 1_555 O ? F HOH . ? B HOH 68 ? 1_555 70.1  ? 
15 O ? F HOH . ? B HOH 46 ? 1_555 MG ? D MG . ? B MG 18 ? 1_555 O ? F HOH . ? B HOH 68 ? 1_555 79.7  ? 
16 O ? F HOH . ? B HOH 49 ? 1_555 MG ? D MG . ? B MG 18 ? 1_555 O ? F HOH . ? B HOH 68 ? 1_555 175.5 ? 
# 
loop_
_pdbx_audit_revision_history.ordinal 
_pdbx_audit_revision_history.data_content_type 
_pdbx_audit_revision_history.major_revision 
_pdbx_audit_revision_history.minor_revision 
_pdbx_audit_revision_history.revision_date 
1 'Structure model' 1 0 2002-05-03 
2 'Structure model' 1 1 2008-04-28 
3 'Structure model' 1 2 2011-07-13 
4 'Structure model' 1 3 2017-10-11 
5 'Structure model' 1 4 2023-08-16 
# 
_pdbx_audit_revision_details.ordinal             1 
_pdbx_audit_revision_details.revision_ordinal    1 
_pdbx_audit_revision_details.data_content_type   'Structure model' 
_pdbx_audit_revision_details.provider            repository 
_pdbx_audit_revision_details.type                'Initial release' 
_pdbx_audit_revision_details.description         ? 
_pdbx_audit_revision_details.details             ? 
# 
loop_
_pdbx_audit_revision_group.ordinal 
_pdbx_audit_revision_group.revision_ordinal 
_pdbx_audit_revision_group.data_content_type 
_pdbx_audit_revision_group.group 
1 2 'Structure model' 'Version format compliance' 
2 3 'Structure model' 'Version format compliance' 
3 4 'Structure model' 'Refinement description'    
4 5 'Structure model' 'Data collection'           
5 5 'Structure model' 'Database references'       
6 5 'Structure model' 'Derived calculations'      
7 5 'Structure model' 'Refinement description'    
# 
loop_
_pdbx_audit_revision_category.ordinal 
_pdbx_audit_revision_category.revision_ordinal 
_pdbx_audit_revision_category.data_content_type 
_pdbx_audit_revision_category.category 
1 4 'Structure model' software                      
2 5 'Structure model' chem_comp_atom                
3 5 'Structure model' chem_comp_bond                
4 5 'Structure model' database_2                    
5 5 'Structure model' pdbx_initial_refinement_model 
6 5 'Structure model' pdbx_struct_conn_angle        
7 5 'Structure model' struct_conn                   
8 5 'Structure model' struct_site                   
# 
loop_
_pdbx_audit_revision_item.ordinal 
_pdbx_audit_revision_item.revision_ordinal 
_pdbx_audit_revision_item.data_content_type 
_pdbx_audit_revision_item.item 
1  4 'Structure model' '_software.classification'                  
2  4 'Structure model' '_software.name'                            
3  5 'Structure model' '_database_2.pdbx_DOI'                      
4  5 'Structure model' '_database_2.pdbx_database_accession'       
5  5 'Structure model' '_pdbx_struct_conn_angle.ptnr1_auth_seq_id' 
6  5 'Structure model' '_pdbx_struct_conn_angle.ptnr3_auth_seq_id' 
7  5 'Structure model' '_pdbx_struct_conn_angle.value'             
8  5 'Structure model' '_struct_conn.pdbx_dist_value'              
9  5 'Structure model' '_struct_conn.ptnr2_auth_seq_id'            
10 5 'Structure model' '_struct_site.pdbx_auth_asym_id'            
11 5 'Structure model' '_struct_site.pdbx_auth_comp_id'            
12 5 'Structure model' '_struct_site.pdbx_auth_seq_id'             
# 
loop_
_software.name 
_software.classification 
_software.version 
_software.citation_id 
_software.pdbx_ordinal 
AMoRE   phasing           . ? 1 
CNS     refinement        . ? 2 
MAR345  'data collection' . ? 3 
AUTOMAR 'data reduction'  . ? 4 
# 
loop_
_pdbx_validate_rmsd_angle.id 
_pdbx_validate_rmsd_angle.PDB_model_num 
_pdbx_validate_rmsd_angle.auth_atom_id_1 
_pdbx_validate_rmsd_angle.auth_asym_id_1 
_pdbx_validate_rmsd_angle.auth_comp_id_1 
_pdbx_validate_rmsd_angle.auth_seq_id_1 
_pdbx_validate_rmsd_angle.PDB_ins_code_1 
_pdbx_validate_rmsd_angle.label_alt_id_1 
_pdbx_validate_rmsd_angle.auth_atom_id_2 
_pdbx_validate_rmsd_angle.auth_asym_id_2 
_pdbx_validate_rmsd_angle.auth_comp_id_2 
_pdbx_validate_rmsd_angle.auth_seq_id_2 
_pdbx_validate_rmsd_angle.PDB_ins_code_2 
_pdbx_validate_rmsd_angle.label_alt_id_2 
_pdbx_validate_rmsd_angle.auth_atom_id_3 
_pdbx_validate_rmsd_angle.auth_asym_id_3 
_pdbx_validate_rmsd_angle.auth_comp_id_3 
_pdbx_validate_rmsd_angle.auth_seq_id_3 
_pdbx_validate_rmsd_angle.PDB_ins_code_3 
_pdbx_validate_rmsd_angle.label_alt_id_3 
_pdbx_validate_rmsd_angle.angle_value 
_pdbx_validate_rmsd_angle.angle_target_value 
_pdbx_validate_rmsd_angle.angle_deviation 
_pdbx_validate_rmsd_angle.angle_standard_deviation 
_pdbx_validate_rmsd_angle.linker_flag 
1 1 "C5'" A DG 4  ? ? "C4'" A DG 4  ? ? "C3'" A DG 4  ? ? 129.23 115.70 13.53 1.20 N 
2 1 "C5'" A DG 4  ? ? "C4'" A DG 4  ? ? "O4'" A DG 4  ? ? 121.50 109.80 11.70 1.10 N 
3 1 "C5'" B DG 8  ? ? "C4'" B DG 8  ? ? "C3'" B DG 8  ? ? 129.71 115.70 14.01 1.20 N 
4 1 "C5'" B DG 8  ? ? "C4'" B DG 8  ? ? "O4'" B DG 8  ? ? 120.89 109.80 11.09 1.10 N 
5 1 "C5'" B DG 10 ? ? "C4'" B DG 10 ? ? "C3'" B DG 10 ? ? 129.20 115.70 13.50 1.20 N 
6 1 "C5'" B DG 10 ? ? "C4'" B DG 10 ? ? "O4'" B DG 10 ? ? 121.37 109.80 11.57 1.10 N 
# 
loop_
_pdbx_validate_chiral.id 
_pdbx_validate_chiral.PDB_model_num 
_pdbx_validate_chiral.auth_atom_id 
_pdbx_validate_chiral.label_alt_id 
_pdbx_validate_chiral.auth_asym_id 
_pdbx_validate_chiral.auth_comp_id 
_pdbx_validate_chiral.auth_seq_id 
_pdbx_validate_chiral.PDB_ins_code 
_pdbx_validate_chiral.details 
_pdbx_validate_chiral.omega 
1 1 "C4'" ? A DG 4  ? PLANAR . 
2 1 "C4'" ? B DG 8  ? PLANAR . 
3 1 "C4'" ? B DG 10 ? PLANAR . 
# 
loop_
_chem_comp_atom.comp_id 
_chem_comp_atom.atom_id 
_chem_comp_atom.type_symbol 
_chem_comp_atom.pdbx_aromatic_flag 
_chem_comp_atom.pdbx_stereo_config 
_chem_comp_atom.pdbx_ordinal 
DA  OP3    O  N N 1   
DA  P      P  N N 2   
DA  OP1    O  N N 3   
DA  OP2    O  N N 4   
DA  "O5'"  O  N N 5   
DA  "C5'"  C  N N 6   
DA  "C4'"  C  N R 7   
DA  "O4'"  O  N N 8   
DA  "C3'"  C  N S 9   
DA  "O3'"  O  N N 10  
DA  "C2'"  C  N N 11  
DA  "C1'"  C  N R 12  
DA  N9     N  Y N 13  
DA  C8     C  Y N 14  
DA  N7     N  Y N 15  
DA  C5     C  Y N 16  
DA  C6     C  Y N 17  
DA  N6     N  N N 18  
DA  N1     N  Y N 19  
DA  C2     C  Y N 20  
DA  N3     N  Y N 21  
DA  C4     C  Y N 22  
DA  HOP3   H  N N 23  
DA  HOP2   H  N N 24  
DA  "H5'"  H  N N 25  
DA  "H5''" H  N N 26  
DA  "H4'"  H  N N 27  
DA  "H3'"  H  N N 28  
DA  "HO3'" H  N N 29  
DA  "H2'"  H  N N 30  
DA  "H2''" H  N N 31  
DA  "H1'"  H  N N 32  
DA  H8     H  N N 33  
DA  H61    H  N N 34  
DA  H62    H  N N 35  
DA  H2     H  N N 36  
DC  OP3    O  N N 37  
DC  P      P  N N 38  
DC  OP1    O  N N 39  
DC  OP2    O  N N 40  
DC  "O5'"  O  N N 41  
DC  "C5'"  C  N N 42  
DC  "C4'"  C  N R 43  
DC  "O4'"  O  N N 44  
DC  "C3'"  C  N S 45  
DC  "O3'"  O  N N 46  
DC  "C2'"  C  N N 47  
DC  "C1'"  C  N R 48  
DC  N1     N  N N 49  
DC  C2     C  N N 50  
DC  O2     O  N N 51  
DC  N3     N  N N 52  
DC  C4     C  N N 53  
DC  N4     N  N N 54  
DC  C5     C  N N 55  
DC  C6     C  N N 56  
DC  HOP3   H  N N 57  
DC  HOP2   H  N N 58  
DC  "H5'"  H  N N 59  
DC  "H5''" H  N N 60  
DC  "H4'"  H  N N 61  
DC  "H3'"  H  N N 62  
DC  "HO3'" H  N N 63  
DC  "H2'"  H  N N 64  
DC  "H2''" H  N N 65  
DC  "H1'"  H  N N 66  
DC  H41    H  N N 67  
DC  H42    H  N N 68  
DC  H5     H  N N 69  
DC  H6     H  N N 70  
DG  OP3    O  N N 71  
DG  P      P  N N 72  
DG  OP1    O  N N 73  
DG  OP2    O  N N 74  
DG  "O5'"  O  N N 75  
DG  "C5'"  C  N N 76  
DG  "C4'"  C  N R 77  
DG  "O4'"  O  N N 78  
DG  "C3'"  C  N S 79  
DG  "O3'"  O  N N 80  
DG  "C2'"  C  N N 81  
DG  "C1'"  C  N R 82  
DG  N9     N  Y N 83  
DG  C8     C  Y N 84  
DG  N7     N  Y N 85  
DG  C5     C  Y N 86  
DG  C6     C  N N 87  
DG  O6     O  N N 88  
DG  N1     N  N N 89  
DG  C2     C  N N 90  
DG  N2     N  N N 91  
DG  N3     N  N N 92  
DG  C4     C  Y N 93  
DG  HOP3   H  N N 94  
DG  HOP2   H  N N 95  
DG  "H5'"  H  N N 96  
DG  "H5''" H  N N 97  
DG  "H4'"  H  N N 98  
DG  "H3'"  H  N N 99  
DG  "HO3'" H  N N 100 
DG  "H2'"  H  N N 101 
DG  "H2''" H  N N 102 
DG  "H1'"  H  N N 103 
DG  H8     H  N N 104 
DG  H1     H  N N 105 
DG  H21    H  N N 106 
DG  H22    H  N N 107 
DT  OP3    O  N N 108 
DT  P      P  N N 109 
DT  OP1    O  N N 110 
DT  OP2    O  N N 111 
DT  "O5'"  O  N N 112 
DT  "C5'"  C  N N 113 
DT  "C4'"  C  N R 114 
DT  "O4'"  O  N N 115 
DT  "C3'"  C  N S 116 
DT  "O3'"  O  N N 117 
DT  "C2'"  C  N N 118 
DT  "C1'"  C  N R 119 
DT  N1     N  N N 120 
DT  C2     C  N N 121 
DT  O2     O  N N 122 
DT  N3     N  N N 123 
DT  C4     C  N N 124 
DT  O4     O  N N 125 
DT  C5     C  N N 126 
DT  C7     C  N N 127 
DT  C6     C  N N 128 
DT  HOP3   H  N N 129 
DT  HOP2   H  N N 130 
DT  "H5'"  H  N N 131 
DT  "H5''" H  N N 132 
DT  "H4'"  H  N N 133 
DT  "H3'"  H  N N 134 
DT  "HO3'" H  N N 135 
DT  "H2'"  H  N N 136 
DT  "H2''" H  N N 137 
DT  "H1'"  H  N N 138 
DT  H3     H  N N 139 
DT  H71    H  N N 140 
DT  H72    H  N N 141 
DT  H73    H  N N 142 
DT  H6     H  N N 143 
HOH O      O  N N 144 
HOH H1     H  N N 145 
HOH H2     H  N N 146 
MG  MG     MG N N 147 
# 
loop_
_chem_comp_bond.comp_id 
_chem_comp_bond.atom_id_1 
_chem_comp_bond.atom_id_2 
_chem_comp_bond.value_order 
_chem_comp_bond.pdbx_aromatic_flag 
_chem_comp_bond.pdbx_stereo_config 
_chem_comp_bond.pdbx_ordinal 
DA  OP3   P      sing N N 1   
DA  OP3   HOP3   sing N N 2   
DA  P     OP1    doub N N 3   
DA  P     OP2    sing N N 4   
DA  P     "O5'"  sing N N 5   
DA  OP2   HOP2   sing N N 6   
DA  "O5'" "C5'"  sing N N 7   
DA  "C5'" "C4'"  sing N N 8   
DA  "C5'" "H5'"  sing N N 9   
DA  "C5'" "H5''" sing N N 10  
DA  "C4'" "O4'"  sing N N 11  
DA  "C4'" "C3'"  sing N N 12  
DA  "C4'" "H4'"  sing N N 13  
DA  "O4'" "C1'"  sing N N 14  
DA  "C3'" "O3'"  sing N N 15  
DA  "C3'" "C2'"  sing N N 16  
DA  "C3'" "H3'"  sing N N 17  
DA  "O3'" "HO3'" sing N N 18  
DA  "C2'" "C1'"  sing N N 19  
DA  "C2'" "H2'"  sing N N 20  
DA  "C2'" "H2''" sing N N 21  
DA  "C1'" N9     sing N N 22  
DA  "C1'" "H1'"  sing N N 23  
DA  N9    C8     sing Y N 24  
DA  N9    C4     sing Y N 25  
DA  C8    N7     doub Y N 26  
DA  C8    H8     sing N N 27  
DA  N7    C5     sing Y N 28  
DA  C5    C6     sing Y N 29  
DA  C5    C4     doub Y N 30  
DA  C6    N6     sing N N 31  
DA  C6    N1     doub Y N 32  
DA  N6    H61    sing N N 33  
DA  N6    H62    sing N N 34  
DA  N1    C2     sing Y N 35  
DA  C2    N3     doub Y N 36  
DA  C2    H2     sing N N 37  
DA  N3    C4     sing Y N 38  
DC  OP3   P      sing N N 39  
DC  OP3   HOP3   sing N N 40  
DC  P     OP1    doub N N 41  
DC  P     OP2    sing N N 42  
DC  P     "O5'"  sing N N 43  
DC  OP2   HOP2   sing N N 44  
DC  "O5'" "C5'"  sing N N 45  
DC  "C5'" "C4'"  sing N N 46  
DC  "C5'" "H5'"  sing N N 47  
DC  "C5'" "H5''" sing N N 48  
DC  "C4'" "O4'"  sing N N 49  
DC  "C4'" "C3'"  sing N N 50  
DC  "C4'" "H4'"  sing N N 51  
DC  "O4'" "C1'"  sing N N 52  
DC  "C3'" "O3'"  sing N N 53  
DC  "C3'" "C2'"  sing N N 54  
DC  "C3'" "H3'"  sing N N 55  
DC  "O3'" "HO3'" sing N N 56  
DC  "C2'" "C1'"  sing N N 57  
DC  "C2'" "H2'"  sing N N 58  
DC  "C2'" "H2''" sing N N 59  
DC  "C1'" N1     sing N N 60  
DC  "C1'" "H1'"  sing N N 61  
DC  N1    C2     sing N N 62  
DC  N1    C6     sing N N 63  
DC  C2    O2     doub N N 64  
DC  C2    N3     sing N N 65  
DC  N3    C4     doub N N 66  
DC  C4    N4     sing N N 67  
DC  C4    C5     sing N N 68  
DC  N4    H41    sing N N 69  
DC  N4    H42    sing N N 70  
DC  C5    C6     doub N N 71  
DC  C5    H5     sing N N 72  
DC  C6    H6     sing N N 73  
DG  OP3   P      sing N N 74  
DG  OP3   HOP3   sing N N 75  
DG  P     OP1    doub N N 76  
DG  P     OP2    sing N N 77  
DG  P     "O5'"  sing N N 78  
DG  OP2   HOP2   sing N N 79  
DG  "O5'" "C5'"  sing N N 80  
DG  "C5'" "C4'"  sing N N 81  
DG  "C5'" "H5'"  sing N N 82  
DG  "C5'" "H5''" sing N N 83  
DG  "C4'" "O4'"  sing N N 84  
DG  "C4'" "C3'"  sing N N 85  
DG  "C4'" "H4'"  sing N N 86  
DG  "O4'" "C1'"  sing N N 87  
DG  "C3'" "O3'"  sing N N 88  
DG  "C3'" "C2'"  sing N N 89  
DG  "C3'" "H3'"  sing N N 90  
DG  "O3'" "HO3'" sing N N 91  
DG  "C2'" "C1'"  sing N N 92  
DG  "C2'" "H2'"  sing N N 93  
DG  "C2'" "H2''" sing N N 94  
DG  "C1'" N9     sing N N 95  
DG  "C1'" "H1'"  sing N N 96  
DG  N9    C8     sing Y N 97  
DG  N9    C4     sing Y N 98  
DG  C8    N7     doub Y N 99  
DG  C8    H8     sing N N 100 
DG  N7    C5     sing Y N 101 
DG  C5    C6     sing N N 102 
DG  C5    C4     doub Y N 103 
DG  C6    O6     doub N N 104 
DG  C6    N1     sing N N 105 
DG  N1    C2     sing N N 106 
DG  N1    H1     sing N N 107 
DG  C2    N2     sing N N 108 
DG  C2    N3     doub N N 109 
DG  N2    H21    sing N N 110 
DG  N2    H22    sing N N 111 
DG  N3    C4     sing N N 112 
DT  OP3   P      sing N N 113 
DT  OP3   HOP3   sing N N 114 
DT  P     OP1    doub N N 115 
DT  P     OP2    sing N N 116 
DT  P     "O5'"  sing N N 117 
DT  OP2   HOP2   sing N N 118 
DT  "O5'" "C5'"  sing N N 119 
DT  "C5'" "C4'"  sing N N 120 
DT  "C5'" "H5'"  sing N N 121 
DT  "C5'" "H5''" sing N N 122 
DT  "C4'" "O4'"  sing N N 123 
DT  "C4'" "C3'"  sing N N 124 
DT  "C4'" "H4'"  sing N N 125 
DT  "O4'" "C1'"  sing N N 126 
DT  "C3'" "O3'"  sing N N 127 
DT  "C3'" "C2'"  sing N N 128 
DT  "C3'" "H3'"  sing N N 129 
DT  "O3'" "HO3'" sing N N 130 
DT  "C2'" "C1'"  sing N N 131 
DT  "C2'" "H2'"  sing N N 132 
DT  "C2'" "H2''" sing N N 133 
DT  "C1'" N1     sing N N 134 
DT  "C1'" "H1'"  sing N N 135 
DT  N1    C2     sing N N 136 
DT  N1    C6     sing N N 137 
DT  C2    O2     doub N N 138 
DT  C2    N3     sing N N 139 
DT  N3    C4     sing N N 140 
DT  N3    H3     sing N N 141 
DT  C4    O4     doub N N 142 
DT  C4    C5     sing N N 143 
DT  C5    C7     sing N N 144 
DT  C5    C6     doub N N 145 
DT  C7    H71    sing N N 146 
DT  C7    H72    sing N N 147 
DT  C7    H73    sing N N 148 
DT  C6    H6     sing N N 149 
HOH O     H1     sing N N 150 
HOH O     H2     sing N N 151 
# 
_ndb_struct_conf_na.entry_id   1LJX 
_ndb_struct_conf_na.feature    'z-form double helix' 
# 
loop_
_ndb_struct_na_base_pair.model_number 
_ndb_struct_na_base_pair.i_label_asym_id 
_ndb_struct_na_base_pair.i_label_comp_id 
_ndb_struct_na_base_pair.i_label_seq_id 
_ndb_struct_na_base_pair.i_symmetry 
_ndb_struct_na_base_pair.j_label_asym_id 
_ndb_struct_na_base_pair.j_label_comp_id 
_ndb_struct_na_base_pair.j_label_seq_id 
_ndb_struct_na_base_pair.j_symmetry 
_ndb_struct_na_base_pair.shear 
_ndb_struct_na_base_pair.stretch 
_ndb_struct_na_base_pair.stagger 
_ndb_struct_na_base_pair.buckle 
_ndb_struct_na_base_pair.propeller 
_ndb_struct_na_base_pair.opening 
_ndb_struct_na_base_pair.pair_number 
_ndb_struct_na_base_pair.pair_name 
_ndb_struct_na_base_pair.i_auth_asym_id 
_ndb_struct_na_base_pair.i_auth_seq_id 
_ndb_struct_na_base_pair.i_PDB_ins_code 
_ndb_struct_na_base_pair.j_auth_asym_id 
_ndb_struct_na_base_pair.j_auth_seq_id 
_ndb_struct_na_base_pair.j_PDB_ins_code 
_ndb_struct_na_base_pair.hbond_type_28 
_ndb_struct_na_base_pair.hbond_type_12 
1 A DT 1 1_555 B DA 6 1_555 -0.181 -0.129 0.049 8.125  0.864  -2.191 1 A_DT1:DA12_B A 1 ? B 12 ? 20 1 
1 A DG 2 1_555 B DC 5 1_555 0.174  -0.127 0.282 0.338  2.851  0.019  2 A_DG2:DC11_B A 2 ? B 11 ? 19 1 
1 A DC 3 1_555 B DG 4 1_555 -0.082 -0.069 0.321 -0.651 1.280  1.743  3 A_DC3:DG10_B A 3 ? B 10 ? 19 1 
1 A DG 4 1_555 B DC 3 1_555 0.197  -0.072 0.108 -3.865 0.556  1.120  4 A_DG4:DC9_B  A 4 ? B 9  ? 19 1 
1 A DC 5 1_555 B DG 2 1_555 -0.179 -0.109 0.026 7.322  -3.475 1.281  5 A_DC5:DG8_B  A 5 ? B 8  ? 19 1 
1 A DA 6 1_555 B DT 1 1_555 0.059  -0.105 0.142 -6.303 0.776  -1.697 6 A_DA6:DT7_B  A 6 ? B 7  ? 20 1 
# 
loop_
_ndb_struct_na_base_pair_step.model_number 
_ndb_struct_na_base_pair_step.i_label_asym_id_1 
_ndb_struct_na_base_pair_step.i_label_comp_id_1 
_ndb_struct_na_base_pair_step.i_label_seq_id_1 
_ndb_struct_na_base_pair_step.i_symmetry_1 
_ndb_struct_na_base_pair_step.j_label_asym_id_1 
_ndb_struct_na_base_pair_step.j_label_comp_id_1 
_ndb_struct_na_base_pair_step.j_label_seq_id_1 
_ndb_struct_na_base_pair_step.j_symmetry_1 
_ndb_struct_na_base_pair_step.i_label_asym_id_2 
_ndb_struct_na_base_pair_step.i_label_comp_id_2 
_ndb_struct_na_base_pair_step.i_label_seq_id_2 
_ndb_struct_na_base_pair_step.i_symmetry_2 
_ndb_struct_na_base_pair_step.j_label_asym_id_2 
_ndb_struct_na_base_pair_step.j_label_comp_id_2 
_ndb_struct_na_base_pair_step.j_label_seq_id_2 
_ndb_struct_na_base_pair_step.j_symmetry_2 
_ndb_struct_na_base_pair_step.shift 
_ndb_struct_na_base_pair_step.slide 
_ndb_struct_na_base_pair_step.rise 
_ndb_struct_na_base_pair_step.tilt 
_ndb_struct_na_base_pair_step.roll 
_ndb_struct_na_base_pair_step.twist 
_ndb_struct_na_base_pair_step.x_displacement 
_ndb_struct_na_base_pair_step.y_displacement 
_ndb_struct_na_base_pair_step.helical_rise 
_ndb_struct_na_base_pair_step.inclination 
_ndb_struct_na_base_pair_step.tip 
_ndb_struct_na_base_pair_step.helical_twist 
_ndb_struct_na_base_pair_step.step_number 
_ndb_struct_na_base_pair_step.step_name 
_ndb_struct_na_base_pair_step.i_auth_asym_id_1 
_ndb_struct_na_base_pair_step.i_auth_seq_id_1 
_ndb_struct_na_base_pair_step.i_PDB_ins_code_1 
_ndb_struct_na_base_pair_step.j_auth_asym_id_1 
_ndb_struct_na_base_pair_step.j_auth_seq_id_1 
_ndb_struct_na_base_pair_step.j_PDB_ins_code_1 
_ndb_struct_na_base_pair_step.i_auth_asym_id_2 
_ndb_struct_na_base_pair_step.i_auth_seq_id_2 
_ndb_struct_na_base_pair_step.i_PDB_ins_code_2 
_ndb_struct_na_base_pair_step.j_auth_asym_id_2 
_ndb_struct_na_base_pair_step.j_auth_seq_id_2 
_ndb_struct_na_base_pair_step.j_PDB_ins_code_2 
1 A DT 1 1_555 B DA 6 1_555 A DG 2 1_555 B DC 5 1_555 0.138  5.607  3.875 1.503  -1.294 -14.118 -21.093 2.297  4.330 5.231  6.075  
-14.256 1 AA_DT1DG2:DC11DA12_BB A 1 ? B 12 ? A 2 ? B 11 ? 
1 A DG 2 1_555 B DC 5 1_555 A DC 3 1_555 B DG 4 1_555 -0.129 -0.720 3.568 -0.745 0.845  -53.154 0.745   -0.195 3.576 -0.945 -0.832 
-53.165 2 AA_DG2DC3:DG10DC11_BB A 2 ? B 11 ? A 3 ? B 10 ? 
1 A DC 3 1_555 B DG 4 1_555 A DG 4 1_555 B DC 3 1_555 0.052  5.271  3.743 -0.252 -0.442 -9.303  -31.325 -0.320 3.989 2.724  -1.554 
-9.317  3 AA_DC3DG4:DC9DG10_BB  A 3 ? B 10 ? A 4 ? B 9  ? 
1 A DG 4 1_555 B DC 3 1_555 A DC 5 1_555 B DG 2 1_555 0.006  -1.305 3.201 0.760  -4.936 -48.336 1.951   0.063  3.061 6.009  0.925  
-48.577 4 AA_DG4DC5:DG8DC9_BB   A 4 ? B 9  ? A 5 ? B 8  ? 
1 A DC 5 1_555 B DG 2 1_555 A DA 6 1_555 B DT 1 1_555 -0.128 5.348  3.821 1.998  -5.908 -9.288  -12.909 4.258  6.017 32.148 10.869 
-11.184 5 AA_DC5DA6:DT7DG8_BB   A 5 ? B 8  ? A 6 ? B 7  ? 
# 
loop_
_pdbx_entity_nonpoly.entity_id 
_pdbx_entity_nonpoly.name 
_pdbx_entity_nonpoly.comp_id 
2 'MAGNESIUM ION' MG  
3 water           HOH 
# 
_pdbx_initial_refinement_model.id               1 
_pdbx_initial_refinement_model.entity_id_list   ? 
_pdbx_initial_refinement_model.type             'experimental model' 
_pdbx_initial_refinement_model.source_name      PDB 
_pdbx_initial_refinement_model.accession_code   1DCG 
_pdbx_initial_refinement_model.details          'PDB entry 1DCG with its terminal bases modified' 
# 
